data_7LRC
#
_entry.id   7LRC
#
_cell.length_a   1.00
_cell.length_b   1.00
_cell.length_c   1.00
_cell.angle_alpha   90.00
_cell.angle_beta   90.00
_cell.angle_gamma   90.00
#
_symmetry.space_group_name_H-M   'P 1'
#
loop_
_entity.id
_entity.type
_entity.pdbx_description
1 polymer "cGMP-inhibited 3',5'-cyclic phosphodiesterase A"
2 polymer 'Schlafen family member 12'
3 non-polymer 'MANGANESE (II) ION'
4 non-polymer 'MAGNESIUM ION'
5 non-polymer (4~{R})-3-[4-(diethylamino)-3-[oxidanyl(oxidanylidene)-$l^{4}-azanyl]phenyl]-4-methyl-4,5-dihydro-1~{H}-pyridazin-6-one
#
loop_
_entity_poly.entity_id
_entity_poly.type
_entity_poly.pdbx_seq_one_letter_code
_entity_poly.pdbx_strand_id
1 'polypeptide(L)'
;GEDETECLREPLRKASACSTYAPETMMFLDKPILAPEPLVMDNLDSIMEQLNTWNFPIFDLVENIGRKCGRILSQVSYRL
FEDMGLFEAFKIPIREFMNYFHALEIGYRDIPYHNRIHATDVLHAVWYLTTQPIPGLSTVINDHGSTSDSDSDSGFTHGH
MGYVFSKTYNVTDDKYGCLSGNIPALELMALYVAAAMHDYDHPGRTNAFLVATSAPQAVLYNDRSVLENHHAAAAWNLFM
SRPEYNFLINLDHVEFKHFRFLVIEAILATDLKKHFDFVAKFNGKVNDDVGIDWTNENDRLLVCQMCIKLADINGPAKCK
ELHLQWTDGIVNEFYEQGDEEASLGLPISPFMDRSAPQLANLQESFISHIVGPLCNSYDSAGLMPGKWVEDSDESGDTDD
PEEEEEEAPAPNEEETCENNESPKKKTFKRRKIYCQITQHLLQNHKMWKKVIEEEQRLAGIENQSLDQTPQSHSSEQIQA
IKEEEEEKGKPRGEEIPTQKPDQ
;
B,C
2 'polypeptide(L)'
;GGGGSMNISVDLETNYAELVLDVGRVTLGENSRKKMKDCKLRKKQNESVSRAMCALLNSGGGVIKAEIENEDYSYTKDGI
GLDLENSFSNILLFVPEYLDFMQNGNYFLIFVKSWSLNTSGLRITTLSSNLYKRDITSAKVMNATAALEFLKDMKKTRGR
LYLRPELLAKRPCVDIQEENNMKALAGVFFDRTELDRKEKLTFTESTHVEIKNFSTEKLLQRIKEILPQYVSAFANTDGG
YLFIGLNEDKEIIGFKAEMSDLDDLEREIEKSIRKMPVHHFCMEKKKINYSCKFLGVYDKGSLCGYVCALRVERFCCAVF
AKEPDSWHVKDNRVMQLTRKEWIQFMVEAEPKFSSSYEEVISQINTSLPAPHSWPLLEWQRQRHHCPGLSGRITYTPENL
CRKLFLQHEGLKQLICEEMDSVRKGSLIFSRSWSVDLGLQENHKVLCDALLISQDSPPVLYTFHMVQDEEFKGYSTQTAL
TLKQKLAKIGGYTKKVCVMTKIFYLSPEGMTSCQYDLRSQVIYPESYYFTRRKYLLKALFKALKRLKSLRDQFSFAENLY
QIIGIDCFQKNDKKMFKSCRRLT
;
A,D
#
loop_
_chem_comp.id
_chem_comp.type
_chem_comp.name
_chem_comp.formula
MG non-polymer 'MAGNESIUM ION' 'Mg 2'
MN non-polymer 'MANGANESE (II) ION' 'Mn 2'
X5M non-polymer (4~{R})-3-[4-(diethylamino)-3-[oxidanyl(oxidanylidene)-$l^{4}-azanyl]phenyl]-4-methyl-4,5-dihydro-1~{H}-pyridazin-6-one 'C15 H21 N4 O3'
#
# COMPACT_ATOMS: atom_id res chain seq x y z
N LYS A 31 -28.69 9.01 8.52
CA LYS A 31 -29.24 7.97 9.39
C LYS A 31 -28.17 7.39 10.31
N PRO A 32 -27.84 8.10 11.39
CA PRO A 32 -26.84 7.59 12.32
C PRO A 32 -27.33 6.35 13.05
N ILE A 33 -26.45 5.36 13.16
CA ILE A 33 -26.79 4.09 13.82
C ILE A 33 -26.40 4.27 15.29
N LEU A 34 -27.34 4.80 16.06
CA LEU A 34 -27.11 5.02 17.48
C LEU A 34 -27.29 3.73 18.26
N ALA A 35 -26.51 3.59 19.34
CA ALA A 35 -26.56 2.40 20.16
C ALA A 35 -27.86 2.37 20.96
N PRO A 36 -28.30 1.18 21.38
CA PRO A 36 -29.49 1.10 22.24
C PRO A 36 -29.29 1.85 23.54
N GLU A 37 -30.38 2.39 24.08
CA GLU A 37 -30.32 3.21 25.29
C GLU A 37 -29.66 2.51 26.49
N PRO A 38 -29.95 1.25 26.81
CA PRO A 38 -29.16 0.58 27.86
C PRO A 38 -27.77 0.23 27.35
N LEU A 39 -26.76 0.96 27.83
CA LEU A 39 -25.39 0.73 27.37
C LEU A 39 -24.79 -0.53 27.98
N VAL A 40 -25.20 -0.87 29.20
CA VAL A 40 -24.66 -2.02 29.92
C VAL A 40 -25.79 -3.02 30.14
N MET A 41 -25.55 -4.27 29.79
CA MET A 41 -26.53 -5.34 29.96
C MET A 41 -26.15 -6.14 31.20
N ASP A 42 -27.05 -6.17 32.19
CA ASP A 42 -26.75 -6.84 33.46
C ASP A 42 -26.81 -8.35 33.34
N ASN A 43 -27.68 -8.87 32.48
CA ASN A 43 -27.85 -10.33 32.37
C ASN A 43 -26.57 -11.03 31.94
N LEU A 44 -25.63 -10.31 31.33
CA LEU A 44 -24.37 -10.88 30.89
C LEU A 44 -23.28 -10.82 31.96
N ASP A 45 -23.53 -10.13 33.07
CA ASP A 45 -22.48 -9.89 34.06
C ASP A 45 -21.86 -11.18 34.57
N SER A 46 -22.64 -12.26 34.59
CA SER A 46 -22.08 -13.55 35.01
C SER A 46 -21.08 -14.08 33.98
N ILE A 47 -21.47 -14.12 32.71
CA ILE A 47 -20.64 -14.78 31.71
C ILE A 47 -19.37 -13.98 31.45
N MET A 48 -19.45 -12.65 31.60
CA MET A 48 -18.27 -11.83 31.45
C MET A 48 -17.21 -12.16 32.51
N GLU A 49 -17.63 -12.79 33.61
CA GLU A 49 -16.67 -13.23 34.61
C GLU A 49 -15.70 -14.25 34.04
N GLN A 50 -16.09 -14.93 32.96
CA GLN A 50 -15.20 -15.88 32.32
C GLN A 50 -14.38 -15.23 31.21
N LEU A 51 -14.21 -13.91 31.25
CA LEU A 51 -13.40 -13.22 30.26
C LEU A 51 -11.91 -13.39 30.54
N ASN A 52 -11.57 -13.91 31.72
CA ASN A 52 -10.19 -14.06 32.13
C ASN A 52 -9.58 -15.39 31.72
N THR A 53 -10.31 -16.23 30.99
CA THR A 53 -9.81 -17.52 30.54
C THR A 53 -9.72 -17.55 29.02
N TRP A 54 -8.77 -18.33 28.51
CA TRP A 54 -8.53 -18.37 27.07
C TRP A 54 -9.72 -18.96 26.32
N ASN A 55 -10.30 -20.05 26.84
CA ASN A 55 -11.42 -20.71 26.18
C ASN A 55 -12.73 -20.06 26.61
N PHE A 56 -12.92 -18.84 26.13
CA PHE A 56 -14.11 -18.07 26.45
C PHE A 56 -15.31 -18.60 25.67
N PRO A 57 -16.39 -19.01 26.34
CA PRO A 57 -17.56 -19.49 25.60
C PRO A 57 -18.29 -18.36 24.89
N ILE A 58 -17.72 -17.92 23.76
CA ILE A 58 -18.26 -16.76 23.06
C ILE A 58 -19.62 -17.09 22.43
N PHE A 59 -19.78 -18.32 21.92
CA PHE A 59 -21.03 -18.69 21.28
C PHE A 59 -22.18 -18.73 22.27
N ASP A 60 -21.92 -19.15 23.51
CA ASP A 60 -22.93 -19.07 24.56
C ASP A 60 -23.34 -17.62 24.80
N LEU A 61 -22.37 -16.70 24.76
CA LEU A 61 -22.69 -15.28 24.89
C LEU A 61 -23.54 -14.80 23.72
N VAL A 62 -23.26 -15.28 22.51
CA VAL A 62 -24.06 -14.90 21.35
C VAL A 62 -25.49 -15.39 21.53
N GLU A 63 -25.66 -16.63 22.01
CA GLU A 63 -26.99 -17.15 22.25
C GLU A 63 -27.72 -16.35 23.33
N ASN A 64 -27.02 -15.99 24.40
CA ASN A 64 -27.65 -15.23 25.47
C ASN A 64 -28.07 -13.84 25.01
N ILE A 65 -27.19 -13.14 24.30
CA ILE A 65 -27.51 -11.79 23.85
C ILE A 65 -28.60 -11.82 22.79
N GLY A 66 -28.47 -12.69 21.80
CA GLY A 66 -29.43 -12.75 20.71
C GLY A 66 -28.77 -12.36 19.40
N ARG A 67 -29.08 -13.12 18.35
CA ARG A 67 -28.48 -12.86 17.05
C ARG A 67 -29.08 -11.64 16.36
N LYS A 68 -30.32 -11.29 16.68
CA LYS A 68 -30.97 -10.15 16.05
C LYS A 68 -30.29 -8.84 16.44
N CYS A 69 -30.09 -8.62 17.75
CA CYS A 69 -29.51 -7.36 18.20
C CYS A 69 -28.05 -7.24 17.81
N GLY A 70 -27.27 -8.30 18.01
CA GLY A 70 -25.87 -8.27 17.65
C GLY A 70 -25.05 -7.27 18.45
N ARG A 71 -25.23 -7.26 19.77
CA ARG A 71 -24.53 -6.35 20.66
C ARG A 71 -23.33 -6.99 21.34
N ILE A 72 -22.86 -8.13 20.84
CA ILE A 72 -21.81 -8.88 21.53
C ILE A 72 -20.51 -8.08 21.57
N LEU A 73 -20.10 -7.54 20.42
CA LEU A 73 -18.82 -6.84 20.35
C LEU A 73 -18.81 -5.59 21.23
N SER A 74 -19.91 -4.84 21.24
CA SER A 74 -19.98 -3.64 22.07
C SER A 74 -19.86 -3.98 23.54
N GLN A 75 -20.62 -4.99 23.99
CA GLN A 75 -20.58 -5.36 25.41
C GLN A 75 -19.21 -5.89 25.81
N VAL A 76 -18.61 -6.73 24.98
CA VAL A 76 -17.29 -7.27 25.30
C VAL A 76 -16.24 -6.17 25.32
N SER A 77 -16.31 -5.24 24.37
CA SER A 77 -15.36 -4.13 24.34
C SER A 77 -15.54 -3.23 25.56
N TYR A 78 -16.79 -2.99 25.97
CA TYR A 78 -17.02 -2.19 27.16
C TYR A 78 -16.46 -2.89 28.40
N ARG A 79 -16.67 -4.20 28.52
CA ARG A 79 -16.13 -4.93 29.66
C ARG A 79 -14.61 -4.87 29.67
N LEU A 80 -13.97 -5.04 28.51
CA LEU A 80 -12.51 -5.02 28.46
C LEU A 80 -11.97 -3.62 28.78
N PHE A 81 -12.62 -2.58 28.26
CA PHE A 81 -12.19 -1.22 28.57
C PHE A 81 -12.36 -0.89 30.04
N GLU A 82 -13.44 -1.37 30.66
CA GLU A 82 -13.60 -1.18 32.10
C GLU A 82 -12.52 -1.93 32.87
N ASP A 83 -12.19 -3.15 32.44
CA ASP A 83 -11.14 -3.91 33.12
C ASP A 83 -9.80 -3.21 33.01
N MET A 84 -9.48 -2.66 31.84
CA MET A 84 -8.23 -1.92 31.68
C MET A 84 -8.31 -0.57 32.38
N GLY A 85 -9.47 0.08 32.35
CA GLY A 85 -9.60 1.43 32.85
C GLY A 85 -9.29 2.50 31.84
N LEU A 86 -9.31 2.18 30.54
CA LEU A 86 -9.03 3.18 29.52
C LEU A 86 -10.10 4.27 29.49
N PHE A 87 -11.29 3.98 30.04
CA PHE A 87 -12.34 5.00 30.10
C PHE A 87 -11.91 6.18 30.96
N GLU A 88 -11.26 5.90 32.09
CA GLU A 88 -10.80 6.97 32.96
C GLU A 88 -9.41 7.46 32.57
N ALA A 89 -8.59 6.59 31.99
CA ALA A 89 -7.24 6.99 31.60
C ALA A 89 -7.26 8.04 30.50
N PHE A 90 -8.12 7.86 29.49
CA PHE A 90 -8.21 8.79 28.38
C PHE A 90 -9.47 9.63 28.41
N LYS A 91 -10.25 9.56 29.50
CA LYS A 91 -11.50 10.30 29.64
C LYS A 91 -12.43 10.00 28.47
N ILE A 92 -12.51 8.73 28.09
CA ILE A 92 -13.30 8.29 26.95
C ILE A 92 -14.80 8.41 27.28
N PRO A 93 -15.56 9.15 26.48
CA PRO A 93 -17.01 9.20 26.70
C PRO A 93 -17.65 7.85 26.43
N ILE A 94 -18.54 7.44 27.32
CA ILE A 94 -19.19 6.14 27.19
C ILE A 94 -20.16 6.13 26.03
N ARG A 95 -20.93 7.22 25.87
CA ARG A 95 -21.98 7.25 24.86
C ARG A 95 -21.41 7.12 23.44
N GLU A 96 -20.39 7.93 23.13
CA GLU A 96 -19.79 7.89 21.80
C GLU A 96 -19.12 6.54 21.54
N PHE A 97 -18.43 5.99 22.54
CA PHE A 97 -17.79 4.69 22.40
C PHE A 97 -18.82 3.62 22.07
N MET A 98 -19.91 3.56 22.85
CA MET A 98 -20.93 2.56 22.61
C MET A 98 -21.61 2.74 21.26
N ASN A 99 -21.89 3.99 20.88
CA ASN A 99 -22.51 4.25 19.59
C ASN A 99 -21.63 3.77 18.45
N TYR A 100 -20.33 4.11 18.51
CA TYR A 100 -19.44 3.71 17.42
C TYR A 100 -19.27 2.19 17.37
N PHE A 101 -19.18 1.53 18.52
CA PHE A 101 -19.00 0.09 18.48
C PHE A 101 -20.27 -0.63 18.05
N HIS A 102 -21.45 -0.08 18.36
CA HIS A 102 -22.68 -0.64 17.82
C HIS A 102 -22.75 -0.47 16.31
N ALA A 103 -22.31 0.69 15.80
CA ALA A 103 -22.25 0.88 14.35
C ALA A 103 -21.26 -0.10 13.72
N LEU A 104 -20.14 -0.34 14.39
CA LEU A 104 -19.17 -1.32 13.91
C LEU A 104 -19.77 -2.72 13.86
N GLU A 105 -20.55 -3.08 14.89
CA GLU A 105 -21.25 -4.35 14.87
C GLU A 105 -22.21 -4.45 13.70
N ILE A 106 -22.96 -3.38 13.44
CA ILE A 106 -23.90 -3.37 12.33
C ILE A 106 -23.17 -3.52 11.01
N GLY A 107 -21.97 -2.94 10.92
CA GLY A 107 -21.21 -3.02 9.67
C GLY A 107 -20.82 -4.44 9.30
N TYR A 108 -20.49 -5.27 10.29
CA TYR A 108 -20.13 -6.66 10.02
C TYR A 108 -21.30 -7.40 9.38
N ARG A 109 -21.03 -8.14 8.32
CA ARG A 109 -22.05 -8.89 7.61
C ARG A 109 -22.27 -10.26 8.26
N ASP A 110 -23.41 -10.85 7.94
CA ASP A 110 -23.78 -12.16 8.49
C ASP A 110 -23.27 -13.27 7.59
N ILE A 111 -21.94 -13.36 7.50
CA ILE A 111 -21.27 -14.41 6.75
C ILE A 111 -20.80 -15.46 7.76
N PRO A 112 -20.58 -16.71 7.34
CA PRO A 112 -20.34 -17.78 8.33
C PRO A 112 -19.18 -17.55 9.28
N TYR A 113 -18.07 -16.95 8.82
CA TYR A 113 -16.88 -16.83 9.66
C TYR A 113 -16.55 -15.38 9.99
N HIS A 114 -16.38 -14.51 8.99
CA HIS A 114 -15.91 -13.15 9.24
C HIS A 114 -17.09 -12.25 9.60
N ASN A 115 -17.67 -12.53 10.76
CA ASN A 115 -18.77 -11.75 11.30
C ASN A 115 -18.32 -11.11 12.61
N ARG A 116 -19.27 -10.47 13.30
CA ARG A 116 -18.95 -9.80 14.56
C ARG A 116 -18.46 -10.76 15.62
N ILE A 117 -18.83 -12.04 15.52
CA ILE A 117 -18.34 -13.03 16.47
C ILE A 117 -16.83 -13.19 16.35
N HIS A 118 -16.33 -13.21 15.12
CA HIS A 118 -14.88 -13.29 14.91
C HIS A 118 -14.18 -12.04 15.44
N ALA A 119 -14.79 -10.87 15.25
CA ALA A 119 -14.20 -9.64 15.77
C ALA A 119 -14.13 -9.67 17.29
N THR A 120 -15.21 -10.13 17.94
CA THR A 120 -15.20 -10.25 19.38
C THR A 120 -14.15 -11.24 19.85
N ASP A 121 -14.02 -12.36 19.14
CA ASP A 121 -13.01 -13.35 19.51
C ASP A 121 -11.60 -12.79 19.39
N VAL A 122 -11.33 -12.03 18.33
CA VAL A 122 -10.00 -11.45 18.16
C VAL A 122 -9.73 -10.39 19.21
N LEU A 123 -10.74 -9.59 19.56
CA LEU A 123 -10.56 -8.60 20.61
C LEU A 123 -10.29 -9.28 21.96
N HIS A 124 -11.03 -10.34 22.27
CA HIS A 124 -10.77 -11.08 23.50
C HIS A 124 -9.38 -11.69 23.49
N ALA A 125 -8.94 -12.20 22.34
CA ALA A 125 -7.62 -12.82 22.26
C ALA A 125 -6.51 -11.79 22.45
N VAL A 126 -6.63 -10.62 21.84
CA VAL A 126 -5.60 -9.60 22.05
C VAL A 126 -5.60 -9.12 23.50
N TRP A 127 -6.78 -8.99 24.11
CA TRP A 127 -6.83 -8.63 25.51
C TRP A 127 -6.15 -9.69 26.37
N TYR A 128 -6.43 -10.97 26.09
CA TYR A 128 -5.81 -12.06 26.85
C TYR A 128 -4.30 -12.06 26.69
N LEU A 129 -3.81 -11.87 25.47
CA LEU A 129 -2.37 -11.88 25.24
C LEU A 129 -1.69 -10.70 25.91
N THR A 130 -2.32 -9.52 25.89
CA THR A 130 -1.69 -8.33 26.45
C THR A 130 -1.74 -8.31 27.98
N THR A 131 -2.82 -8.82 28.57
CA THR A 131 -3.07 -8.63 30.00
C THR A 131 -2.64 -9.81 30.86
N GLN A 132 -2.80 -11.04 30.40
CA GLN A 132 -2.56 -12.19 31.25
C GLN A 132 -1.08 -12.31 31.59
N PRO A 133 -0.75 -12.90 32.75
CA PRO A 133 0.65 -13.00 33.16
C PRO A 133 1.48 -13.79 32.17
N ILE A 134 2.71 -13.35 31.98
CA ILE A 134 3.68 -13.99 31.09
C ILE A 134 4.92 -14.33 31.92
N PRO A 135 5.31 -15.60 32.00
CA PRO A 135 6.45 -15.96 32.88
C PRO A 135 7.75 -15.36 32.37
N GLY A 136 8.46 -14.69 33.28
CA GLY A 136 9.78 -14.16 32.98
C GLY A 136 9.81 -12.84 32.24
N LEU A 137 8.65 -12.24 31.94
CA LEU A 137 8.62 -10.98 31.21
C LEU A 137 8.85 -9.82 32.18
N SER A 138 9.97 -9.13 32.01
CA SER A 138 10.26 -7.97 32.84
C SER A 138 9.38 -6.79 32.45
N THR A 139 8.96 -6.02 33.45
CA THR A 139 8.10 -4.87 33.25
C THR A 139 8.85 -3.59 33.61
N VAL A 140 8.63 -2.54 32.84
CA VAL A 140 9.29 -1.26 33.08
C VAL A 140 8.64 -0.54 34.27
N GLY A 162 0.65 7.18 30.09
CA GLY A 162 1.16 6.26 31.07
C GLY A 162 0.84 4.81 30.75
N TYR A 163 1.09 3.93 31.71
CA TYR A 163 0.83 2.51 31.54
C TYR A 163 -0.45 2.11 32.25
N VAL A 164 -1.07 1.04 31.76
CA VAL A 164 -2.37 0.58 32.24
C VAL A 164 -2.27 -0.92 32.52
N PHE A 165 -2.79 -1.33 33.68
CA PHE A 165 -2.81 -2.73 34.07
C PHE A 165 -4.25 -3.20 34.26
N SER A 166 -4.50 -4.44 33.91
CA SER A 166 -5.83 -5.01 34.05
C SER A 166 -6.15 -5.28 35.52
N LYS A 167 -7.46 -5.29 35.82
CA LYS A 167 -7.92 -5.55 37.18
C LYS A 167 -7.83 -7.03 37.55
N THR A 168 -7.54 -7.90 36.60
CA THR A 168 -7.39 -9.34 36.86
C THR A 168 -5.93 -9.76 36.95
N TYR A 169 -5.01 -8.80 37.07
CA TYR A 169 -3.58 -9.08 37.13
C TYR A 169 -3.06 -8.79 38.52
N ASN A 170 -2.16 -9.64 39.00
CA ASN A 170 -1.56 -9.51 40.32
C ASN A 170 -0.21 -8.83 40.18
N VAL A 171 -0.13 -7.57 40.61
CA VAL A 171 1.11 -6.81 40.46
C VAL A 171 2.08 -7.14 41.58
N THR A 172 1.57 -7.74 42.67
CA THR A 172 2.44 -8.06 43.80
C THR A 172 3.48 -9.12 43.43
N ASP A 173 3.06 -10.12 42.66
CA ASP A 173 3.99 -11.17 42.25
C ASP A 173 5.05 -10.61 41.30
N ASP A 174 6.28 -11.05 41.49
CA ASP A 174 7.41 -10.59 40.70
C ASP A 174 7.91 -11.63 39.71
N LYS A 175 7.32 -12.83 39.69
CA LYS A 175 7.72 -13.89 38.79
C LYS A 175 6.95 -13.86 37.46
N TYR A 176 5.99 -12.96 37.30
CA TYR A 176 5.19 -12.86 36.10
C TYR A 176 5.18 -11.43 35.59
N GLY A 177 4.92 -11.29 34.29
CA GLY A 177 4.78 -9.99 33.67
C GLY A 177 3.67 -10.00 32.66
N CYS A 178 3.32 -8.80 32.17
CA CYS A 178 2.28 -8.66 31.17
C CYS A 178 2.72 -7.63 30.14
N LEU A 179 2.22 -7.79 28.91
CA LEU A 179 2.52 -6.84 27.86
C LEU A 179 1.93 -5.46 28.14
N SER A 180 0.90 -5.39 28.99
CA SER A 180 0.34 -4.10 29.37
C SER A 180 1.32 -3.27 30.19
N GLY A 181 2.28 -3.91 30.86
CA GLY A 181 3.29 -3.21 31.63
C GLY A 181 4.47 -2.72 30.83
N ASN A 182 4.56 -3.07 29.55
CA ASN A 182 5.64 -2.61 28.68
C ASN A 182 5.16 -1.81 27.48
N ILE A 183 3.87 -1.83 27.18
CA ILE A 183 3.29 -1.11 26.05
C ILE A 183 2.45 0.03 26.60
N PRO A 184 2.60 1.26 26.11
CA PRO A 184 1.82 2.38 26.63
C PRO A 184 0.33 2.19 26.41
N ALA A 185 -0.47 2.90 27.21
CA ALA A 185 -1.91 2.76 27.16
C ALA A 185 -2.48 3.16 25.80
N LEU A 186 -1.91 4.20 25.18
CA LEU A 186 -2.39 4.61 23.86
C LEU A 186 -2.19 3.52 22.83
N GLU A 187 -1.02 2.87 22.85
CA GLU A 187 -0.76 1.79 21.90
C GLU A 187 -1.65 0.59 22.17
N LEU A 188 -1.92 0.28 23.43
CA LEU A 188 -2.83 -0.82 23.74
C LEU A 188 -4.25 -0.52 23.26
N MET A 189 -4.71 0.72 23.46
CA MET A 189 -6.02 1.09 22.96
C MET A 189 -6.08 1.02 21.44
N ALA A 190 -5.00 1.44 20.78
CA ALA A 190 -4.94 1.32 19.32
C ALA A 190 -5.00 -0.14 18.89
N LEU A 191 -4.29 -1.01 19.59
CA LEU A 191 -4.33 -2.44 19.26
C LEU A 191 -5.73 -3.02 19.44
N TYR A 192 -6.40 -2.66 20.53
CA TYR A 192 -7.75 -3.17 20.77
C TYR A 192 -8.72 -2.67 19.71
N VAL A 193 -8.64 -1.38 19.37
CA VAL A 193 -9.52 -0.83 18.35
C VAL A 193 -9.24 -1.47 16.99
N ALA A 194 -7.97 -1.69 16.65
CA ALA A 194 -7.65 -2.34 15.39
C ALA A 194 -8.17 -3.77 15.36
N ALA A 195 -8.05 -4.50 16.47
CA ALA A 195 -8.62 -5.84 16.53
C ALA A 195 -10.12 -5.80 16.35
N ALA A 196 -10.78 -4.77 16.88
CA ALA A 196 -12.21 -4.61 16.64
C ALA A 196 -12.49 -4.27 15.17
N MET A 197 -11.52 -3.66 14.48
CA MET A 197 -11.68 -3.22 13.10
C MET A 197 -10.98 -4.12 12.09
N HIS A 198 -10.39 -5.23 12.53
CA HIS A 198 -9.46 -5.96 11.66
C HIS A 198 -10.13 -6.50 10.41
N ASP A 199 -11.35 -7.02 10.53
CA ASP A 199 -12.06 -7.59 9.39
C ASP A 199 -13.38 -6.89 9.12
N TYR A 200 -13.44 -5.57 9.26
CA TYR A 200 -14.67 -4.84 9.07
C TYR A 200 -15.14 -4.90 7.62
N ASP A 201 -16.45 -5.07 7.44
CA ASP A 201 -17.08 -5.09 6.12
C ASP A 201 -16.46 -6.15 5.21
N HIS A 202 -16.15 -7.31 5.79
CA HIS A 202 -15.55 -8.38 5.00
C HIS A 202 -16.60 -8.95 4.03
N PRO A 203 -16.26 -9.08 2.75
CA PRO A 203 -17.22 -9.61 1.77
C PRO A 203 -17.33 -11.13 1.70
N GLY A 204 -16.63 -11.85 2.58
CA GLY A 204 -16.65 -13.29 2.54
C GLY A 204 -15.79 -13.92 1.47
N ARG A 205 -14.92 -13.14 0.82
CA ARG A 205 -14.07 -13.64 -0.25
C ARG A 205 -12.62 -13.31 0.06
N THR A 206 -11.72 -14.15 -0.45
CA THR A 206 -10.30 -13.96 -0.23
C THR A 206 -9.74 -12.89 -1.16
N ASN A 207 -8.51 -12.47 -0.89
CA ASN A 207 -7.84 -11.49 -1.75
C ASN A 207 -7.64 -12.05 -3.15
N ALA A 208 -7.26 -13.32 -3.26
CA ALA A 208 -7.00 -13.91 -4.57
C ALA A 208 -8.26 -13.93 -5.42
N PHE A 209 -9.41 -14.23 -4.82
CA PHE A 209 -10.66 -14.22 -5.57
C PHE A 209 -10.99 -12.83 -6.09
N LEU A 210 -10.82 -11.80 -5.24
CA LEU A 210 -11.10 -10.44 -5.67
C LEU A 210 -10.15 -10.00 -6.78
N VAL A 211 -8.87 -10.34 -6.67
CA VAL A 211 -7.90 -9.97 -7.69
C VAL A 211 -8.22 -10.66 -9.01
N ALA A 212 -8.50 -11.97 -8.95
CA ALA A 212 -8.73 -12.73 -10.18
C ALA A 212 -9.99 -12.28 -10.90
N THR A 213 -11.05 -11.95 -10.14
CA THR A 213 -12.32 -11.55 -10.73
C THR A 213 -12.36 -10.08 -11.08
N SER A 214 -11.29 -9.32 -10.82
CA SER A 214 -11.23 -7.89 -11.10
C SER A 214 -12.37 -7.15 -10.40
N ALA A 215 -12.54 -7.43 -9.12
CA ALA A 215 -13.58 -6.78 -8.34
C ALA A 215 -13.25 -5.29 -8.18
N PRO A 216 -14.27 -4.45 -7.99
CA PRO A 216 -14.00 -3.01 -7.83
C PRO A 216 -13.09 -2.69 -6.66
N GLN A 217 -13.18 -3.46 -5.57
CA GLN A 217 -12.27 -3.25 -4.45
C GLN A 217 -10.84 -3.53 -4.84
N ALA A 218 -10.62 -4.58 -5.65
CA ALA A 218 -9.27 -4.89 -6.11
C ALA A 218 -8.71 -3.80 -6.99
N VAL A 219 -9.53 -3.26 -7.89
CA VAL A 219 -9.07 -2.18 -8.77
C VAL A 219 -8.80 -0.91 -7.96
N LEU A 220 -9.62 -0.65 -6.93
CA LEU A 220 -9.46 0.55 -6.14
C LEU A 220 -8.12 0.57 -5.41
N TYR A 221 -7.70 -0.56 -4.87
CA TYR A 221 -6.47 -0.65 -4.10
C TYR A 221 -5.31 -1.25 -4.90
N ASN A 222 -5.48 -1.41 -6.21
CA ASN A 222 -4.42 -1.84 -7.11
C ASN A 222 -3.85 -3.20 -6.72
N ASP A 223 -4.73 -4.10 -6.29
CA ASP A 223 -4.37 -5.49 -5.97
C ASP A 223 -3.27 -5.55 -4.91
N ARG A 224 -3.31 -4.64 -3.95
CA ARG A 224 -2.34 -4.58 -2.86
C ARG A 224 -3.10 -4.56 -1.53
N SER A 225 -3.17 -5.72 -0.88
CA SER A 225 -3.86 -5.87 0.40
C SER A 225 -5.27 -5.29 0.34
N VAL A 226 -6.06 -5.85 -0.58
CA VAL A 226 -7.38 -5.29 -0.87
C VAL A 226 -8.27 -5.36 0.36
N LEU A 227 -8.33 -6.52 1.01
CA LEU A 227 -9.25 -6.70 2.12
C LEU A 227 -8.86 -5.82 3.30
N GLU A 228 -7.58 -5.83 3.68
CA GLU A 228 -7.14 -5.09 4.86
C GLU A 228 -7.27 -3.59 4.64
N ASN A 229 -6.87 -3.10 3.47
CA ASN A 229 -7.04 -1.70 3.16
C ASN A 229 -8.51 -1.30 3.18
N HIS A 230 -9.37 -2.15 2.62
CA HIS A 230 -10.81 -1.85 2.64
C HIS A 230 -11.34 -1.80 4.05
N HIS A 231 -10.93 -2.74 4.90
CA HIS A 231 -11.40 -2.75 6.28
C HIS A 231 -10.99 -1.48 7.01
N ALA A 232 -9.69 -1.12 6.92
CA ALA A 232 -9.22 0.06 7.62
C ALA A 232 -9.89 1.32 7.09
N ALA A 233 -10.00 1.45 5.77
CA ALA A 233 -10.60 2.65 5.18
C ALA A 233 -12.07 2.78 5.58
N ALA A 234 -12.82 1.69 5.51
CA ALA A 234 -14.22 1.74 5.88
C ALA A 234 -14.41 2.05 7.36
N ALA A 235 -13.58 1.44 8.22
CA ALA A 235 -13.69 1.71 9.64
C ALA A 235 -13.40 3.17 9.96
N TRP A 236 -12.35 3.73 9.37
CA TRP A 236 -12.02 5.13 9.65
C TRP A 236 -13.03 6.09 9.02
N ASN A 237 -13.57 5.74 7.84
CA ASN A 237 -14.61 6.57 7.26
C ASN A 237 -15.86 6.58 8.13
N LEU A 238 -16.23 5.42 8.69
CA LEU A 238 -17.36 5.37 9.62
C LEU A 238 -17.06 6.17 10.88
N PHE A 239 -15.83 6.09 11.38
CA PHE A 239 -15.49 6.84 12.58
C PHE A 239 -15.57 8.34 12.35
N MET A 240 -15.11 8.81 11.19
CA MET A 240 -15.09 10.24 10.90
C MET A 240 -16.37 10.74 10.26
N SER A 241 -17.33 9.85 9.96
CA SER A 241 -18.55 10.29 9.29
C SER A 241 -19.48 11.02 10.25
N ARG A 242 -19.62 10.53 11.48
CA ARG A 242 -20.58 11.10 12.41
C ARG A 242 -19.88 11.66 13.64
N PRO A 243 -20.26 12.85 14.10
CA PRO A 243 -19.71 13.37 15.36
C PRO A 243 -20.04 12.50 16.56
N GLU A 244 -21.16 11.78 16.52
CA GLU A 244 -21.58 10.96 17.65
C GLU A 244 -20.70 9.74 17.85
N TYR A 245 -19.85 9.40 16.88
CA TYR A 245 -18.95 8.27 16.99
C TYR A 245 -17.56 8.67 17.46
N ASN A 246 -17.33 9.95 17.74
CA ASN A 246 -16.00 10.46 18.09
C ASN A 246 -15.82 10.32 19.59
N PHE A 247 -15.31 9.16 20.02
CA PHE A 247 -14.99 8.92 21.41
C PHE A 247 -13.55 9.29 21.76
N LEU A 248 -12.79 9.83 20.81
CA LEU A 248 -11.42 10.24 21.02
C LEU A 248 -11.27 11.76 20.99
N ILE A 249 -12.34 12.48 21.36
CA ILE A 249 -12.32 13.93 21.31
C ILE A 249 -11.33 14.51 22.31
N ASN A 250 -11.01 13.78 23.38
CA ASN A 250 -10.11 14.26 24.41
C ASN A 250 -8.64 14.07 24.05
N LEU A 251 -8.35 13.48 22.90
CA LEU A 251 -6.96 13.33 22.46
C LEU A 251 -6.53 14.54 21.65
N ASP A 252 -5.28 14.94 21.81
CA ASP A 252 -4.75 16.06 21.05
C ASP A 252 -4.51 15.65 19.59
N HIS A 253 -4.10 16.63 18.79
CA HIS A 253 -3.94 16.39 17.36
C HIS A 253 -2.83 15.37 17.08
N VAL A 254 -1.70 15.48 17.78
CA VAL A 254 -0.58 14.57 17.54
C VAL A 254 -0.93 13.17 18.01
N GLU A 255 -1.55 13.06 19.19
CA GLU A 255 -1.95 11.75 19.70
C GLU A 255 -2.97 11.07 18.80
N PHE A 256 -3.92 11.84 18.25
CA PHE A 256 -4.89 11.24 17.34
C PHE A 256 -4.22 10.71 16.08
N LYS A 257 -3.27 11.45 15.53
CA LYS A 257 -2.56 10.98 14.35
C LYS A 257 -1.76 9.72 14.65
N HIS A 258 -1.07 9.70 15.79
CA HIS A 258 -0.31 8.50 16.16
C HIS A 258 -1.22 7.31 16.37
N PHE A 259 -2.37 7.52 17.02
CA PHE A 259 -3.34 6.46 17.24
C PHE A 259 -3.85 5.92 15.90
N ARG A 260 -4.18 6.81 14.97
CA ARG A 260 -4.65 6.38 13.66
C ARG A 260 -3.59 5.58 12.92
N PHE A 261 -2.34 6.04 12.98
CA PHE A 261 -1.25 5.32 12.34
C PHE A 261 -1.09 3.92 12.93
N LEU A 262 -1.14 3.81 14.26
CA LEU A 262 -1.00 2.51 14.90
C LEU A 262 -2.14 1.57 14.52
N VAL A 263 -3.37 2.10 14.52
CA VAL A 263 -4.52 1.26 14.18
C VAL A 263 -4.42 0.79 12.74
N ILE A 264 -4.04 1.68 11.82
CA ILE A 264 -3.93 1.29 10.41
C ILE A 264 -2.84 0.24 10.23
N GLU A 265 -1.69 0.43 10.88
CA GLU A 265 -0.62 -0.55 10.77
C GLU A 265 -1.04 -1.91 11.30
N ALA A 266 -1.72 -1.92 12.46
CA ALA A 266 -2.16 -3.19 13.03
C ALA A 266 -3.19 -3.87 12.15
N ILE A 267 -4.12 -3.11 11.58
CA ILE A 267 -5.12 -3.70 10.68
C ILE A 267 -4.45 -4.29 9.45
N LEU A 268 -3.51 -3.55 8.85
CA LEU A 268 -2.84 -4.04 7.66
C LEU A 268 -1.92 -5.23 7.95
N ALA A 269 -1.46 -5.38 9.19
CA ALA A 269 -0.64 -6.53 9.54
C ALA A 269 -1.42 -7.84 9.47
N THR A 270 -2.75 -7.80 9.50
CA THR A 270 -3.56 -9.01 9.52
C THR A 270 -3.58 -9.73 8.17
N ASP A 271 -3.02 -9.14 7.13
CA ASP A 271 -3.00 -9.79 5.82
C ASP A 271 -2.12 -11.03 5.86
N LEU A 272 -2.64 -12.14 5.35
CA LEU A 272 -1.88 -13.39 5.32
C LEU A 272 -0.89 -13.45 4.16
N LYS A 273 -1.04 -12.58 3.16
CA LYS A 273 -0.10 -12.58 2.05
C LYS A 273 1.27 -12.11 2.50
N LYS A 274 1.32 -11.24 3.51
CA LYS A 274 2.56 -10.75 4.09
C LYS A 274 2.90 -11.46 5.41
N HIS A 275 2.27 -12.60 5.67
CA HIS A 275 2.48 -13.29 6.94
C HIS A 275 3.93 -13.71 7.12
N PHE A 276 4.52 -14.30 6.08
CA PHE A 276 5.90 -14.77 6.19
C PHE A 276 6.88 -13.61 6.30
N ASP A 277 6.56 -12.47 5.67
CA ASP A 277 7.42 -11.29 5.84
C ASP A 277 7.46 -10.85 7.30
N PHE A 278 6.29 -10.76 7.94
CA PHE A 278 6.25 -10.37 9.35
C PHE A 278 6.95 -11.41 10.22
N VAL A 279 6.75 -12.70 9.92
CA VAL A 279 7.39 -13.75 10.72
C VAL A 279 8.90 -13.65 10.61
N ALA A 280 9.41 -13.45 9.39
CA ALA A 280 10.86 -13.34 9.20
C ALA A 280 11.42 -12.11 9.89
N LYS A 281 10.71 -10.98 9.79
CA LYS A 281 11.19 -9.75 10.45
C LYS A 281 11.22 -9.92 11.96
N PHE A 282 10.17 -10.53 12.52
CA PHE A 282 10.11 -10.75 13.96
C PHE A 282 11.20 -11.71 14.42
N ASN A 283 11.43 -12.78 13.65
CA ASN A 283 12.50 -13.72 13.99
C ASN A 283 13.86 -13.06 13.94
N GLY A 284 14.09 -12.23 12.92
CA GLY A 284 15.35 -11.51 12.85
C GLY A 284 15.55 -10.55 14.00
N LYS A 285 14.48 -9.84 14.41
CA LYS A 285 14.58 -8.94 15.54
C LYS A 285 14.83 -9.68 16.85
N VAL A 286 14.16 -10.81 17.06
CA VAL A 286 14.30 -11.57 18.30
C VAL A 286 15.67 -12.24 18.39
N ASN A 287 16.15 -12.83 17.29
CA ASN A 287 17.41 -13.55 17.33
C ASN A 287 18.59 -12.59 17.50
N ASP A 288 18.36 -11.30 17.32
CA ASP A 288 19.42 -10.32 17.54
C ASP A 288 19.83 -10.30 19.01
N ASP A 289 21.12 -10.05 19.24
CA ASP A 289 21.63 -10.01 20.61
C ASP A 289 20.97 -8.88 21.40
N VAL A 290 20.62 -7.79 20.74
CA VAL A 290 19.90 -6.71 21.40
C VAL A 290 18.54 -7.19 21.88
N GLY A 291 17.85 -7.96 21.05
CA GLY A 291 16.53 -8.46 21.39
C GLY A 291 15.45 -7.40 21.24
N ILE A 292 14.31 -7.68 21.86
CA ILE A 292 13.19 -6.75 21.80
C ILE A 292 13.44 -5.58 22.76
N ASP A 293 13.37 -4.37 22.22
CA ASP A 293 13.57 -3.15 23.00
C ASP A 293 12.22 -2.48 23.18
N TRP A 294 11.73 -2.45 24.41
CA TRP A 294 10.42 -1.89 24.71
C TRP A 294 10.42 -0.37 24.74
N THR A 295 11.59 0.26 24.69
CA THR A 295 11.67 1.72 24.59
C THR A 295 11.66 2.20 23.14
N ASN A 296 11.64 1.28 22.17
CA ASN A 296 11.62 1.62 20.76
C ASN A 296 10.19 1.55 20.24
N GLU A 297 9.76 2.60 19.54
CA GLU A 297 8.41 2.63 19.00
C GLU A 297 8.21 1.54 17.95
N ASN A 298 9.21 1.33 17.09
CA ASN A 298 9.09 0.33 16.04
C ASN A 298 8.96 -1.08 16.60
N ASP A 299 9.74 -1.39 17.64
CA ASP A 299 9.65 -2.71 18.26
C ASP A 299 8.28 -2.94 18.89
N ARG A 300 7.75 -1.93 19.57
CA ARG A 300 6.42 -2.06 20.16
C ARG A 300 5.35 -2.22 19.08
N LEU A 301 5.49 -1.49 17.98
CA LEU A 301 4.55 -1.65 16.87
C LEU A 301 4.62 -3.06 16.29
N LEU A 302 5.83 -3.60 16.14
CA LEU A 302 5.97 -4.96 15.64
C LEU A 302 5.37 -5.97 16.60
N VAL A 303 5.54 -5.75 17.90
CA VAL A 303 4.96 -6.66 18.90
C VAL A 303 3.44 -6.61 18.82
N CYS A 304 2.86 -5.41 18.70
CA CYS A 304 1.41 -5.31 18.57
C CYS A 304 0.91 -5.98 17.30
N GLN A 305 1.63 -5.81 16.20
CA GLN A 305 1.26 -6.47 14.95
C GLN A 305 1.31 -7.98 15.09
N MET A 306 2.34 -8.50 15.75
CA MET A 306 2.42 -9.94 15.98
C MET A 306 1.29 -10.43 16.86
N CYS A 307 0.93 -9.66 17.89
CA CYS A 307 -0.18 -10.04 18.76
C CYS A 307 -1.49 -10.11 17.98
N ILE A 308 -1.76 -9.10 17.15
CA ILE A 308 -3.02 -9.10 16.41
C ILE A 308 -3.01 -10.20 15.35
N LYS A 309 -1.86 -10.48 14.73
CA LYS A 309 -1.76 -11.58 13.78
C LYS A 309 -2.04 -12.92 14.45
N LEU A 310 -1.45 -13.14 15.63
CA LEU A 310 -1.68 -14.38 16.35
C LEU A 310 -3.14 -14.50 16.78
N ALA A 311 -3.74 -13.39 17.20
CA ALA A 311 -5.13 -13.43 17.64
C ALA A 311 -6.09 -13.63 16.49
N ASP A 312 -5.72 -13.21 15.27
CA ASP A 312 -6.63 -13.37 14.14
C ASP A 312 -6.78 -14.82 13.74
N ILE A 313 -5.80 -15.67 14.04
CA ILE A 313 -5.85 -17.08 13.67
C ILE A 313 -5.76 -17.95 14.92
N ASN A 314 -6.30 -17.45 16.03
CA ASN A 314 -6.24 -18.16 17.30
C ASN A 314 -7.15 -19.38 17.36
N GLY A 315 -8.01 -19.58 16.36
CA GLY A 315 -8.98 -20.64 16.37
C GLY A 315 -8.40 -22.04 16.59
N PRO A 316 -7.38 -22.42 15.83
CA PRO A 316 -6.74 -23.73 16.06
C PRO A 316 -6.09 -23.85 17.42
N ALA A 317 -5.82 -22.74 18.11
CA ALA A 317 -5.15 -22.77 19.39
C ALA A 317 -6.11 -22.88 20.57
N LYS A 318 -7.41 -23.02 20.31
CA LYS A 318 -8.42 -23.12 21.35
C LYS A 318 -8.72 -24.59 21.65
N CYS A 319 -9.76 -24.81 22.45
CA CYS A 319 -10.19 -26.17 22.76
C CYS A 319 -10.82 -26.83 21.53
N LYS A 320 -11.16 -28.10 21.67
CA LYS A 320 -11.64 -28.88 20.53
C LYS A 320 -12.96 -28.33 19.99
N GLU A 321 -13.90 -27.98 20.87
CA GLU A 321 -15.22 -27.56 20.43
C GLU A 321 -15.15 -26.23 19.67
N LEU A 322 -14.48 -25.24 20.25
CA LEU A 322 -14.35 -23.94 19.58
C LEU A 322 -13.60 -24.08 18.27
N HIS A 323 -12.53 -24.88 18.26
CA HIS A 323 -11.77 -25.08 17.03
C HIS A 323 -12.63 -25.71 15.94
N LEU A 324 -13.42 -26.72 16.30
CA LEU A 324 -14.28 -27.37 15.32
C LEU A 324 -15.36 -26.42 14.80
N GLN A 325 -15.93 -25.60 15.69
CA GLN A 325 -16.95 -24.66 15.25
C GLN A 325 -16.37 -23.61 14.30
N TRP A 326 -15.19 -23.08 14.63
CA TRP A 326 -14.56 -22.11 13.74
C TRP A 326 -14.17 -22.74 12.42
N THR A 327 -13.69 -23.98 12.45
CA THR A 327 -13.37 -24.68 11.20
C THR A 327 -14.62 -24.88 10.35
N ASP A 328 -15.75 -25.24 10.98
CA ASP A 328 -16.98 -25.38 10.24
C ASP A 328 -17.40 -24.06 9.59
N GLY A 329 -17.28 -22.97 10.34
CA GLY A 329 -17.61 -21.66 9.76
C GLY A 329 -16.72 -21.30 8.58
N ILE A 330 -15.41 -21.50 8.72
CA ILE A 330 -14.50 -21.10 7.65
C ILE A 330 -14.69 -21.98 6.43
N VAL A 331 -14.96 -23.27 6.63
CA VAL A 331 -15.16 -24.12 5.46
C VAL A 331 -16.51 -23.82 4.80
N ASN A 332 -17.51 -23.40 5.57
CA ASN A 332 -18.76 -22.95 4.95
C ASN A 332 -18.51 -21.72 4.08
N GLU A 333 -17.71 -20.78 4.58
CA GLU A 333 -17.38 -19.60 3.78
C GLU A 333 -16.60 -20.00 2.53
N PHE A 334 -15.67 -20.94 2.66
CA PHE A 334 -14.92 -21.43 1.50
C PHE A 334 -15.85 -22.08 0.49
N TYR A 335 -16.83 -22.85 0.96
CA TYR A 335 -17.76 -23.50 0.05
C TYR A 335 -18.62 -22.49 -0.70
N GLU A 336 -19.05 -21.43 0.00
CA GLU A 336 -19.79 -20.37 -0.68
C GLU A 336 -18.92 -19.70 -1.74
N GLN A 337 -17.66 -19.43 -1.41
CA GLN A 337 -16.75 -18.81 -2.38
C GLN A 337 -16.53 -19.74 -3.58
N GLY A 338 -16.39 -21.03 -3.33
CA GLY A 338 -16.22 -21.98 -4.43
C GLY A 338 -17.46 -22.09 -5.31
N ASP A 339 -18.64 -22.02 -4.70
CA ASP A 339 -19.87 -22.00 -5.49
C ASP A 339 -19.92 -20.76 -6.36
N GLU A 340 -19.52 -19.61 -5.82
CA GLU A 340 -19.48 -18.40 -6.65
C GLU A 340 -18.47 -18.53 -7.78
N GLU A 341 -17.31 -19.13 -7.50
CA GLU A 341 -16.32 -19.34 -8.55
C GLU A 341 -16.86 -20.25 -9.65
N ALA A 342 -17.55 -21.33 -9.26
CA ALA A 342 -18.13 -22.22 -10.25
C ALA A 342 -19.20 -21.50 -11.09
N SER A 343 -20.00 -20.65 -10.44
CA SER A 343 -20.99 -19.88 -11.17
C SER A 343 -20.34 -18.94 -12.16
N LEU A 344 -19.23 -18.29 -11.77
CA LEU A 344 -18.53 -17.36 -12.65
C LEU A 344 -17.74 -18.06 -13.75
N GLY A 345 -17.56 -19.37 -13.66
CA GLY A 345 -16.81 -20.10 -14.66
C GLY A 345 -15.33 -20.25 -14.38
N LEU A 346 -14.81 -19.59 -13.35
CA LEU A 346 -13.41 -19.77 -12.98
C LEU A 346 -13.20 -21.15 -12.37
N PRO A 347 -12.00 -21.70 -12.48
CA PRO A 347 -11.71 -22.99 -11.84
C PRO A 347 -11.89 -22.90 -10.32
N ILE A 348 -12.42 -23.97 -9.73
CA ILE A 348 -12.68 -23.96 -8.30
C ILE A 348 -11.37 -24.02 -7.55
N SER A 349 -11.19 -23.10 -6.61
CA SER A 349 -9.98 -23.05 -5.81
C SER A 349 -9.90 -24.27 -4.89
N PRO A 350 -8.70 -24.67 -4.48
CA PRO A 350 -8.57 -25.83 -3.60
C PRO A 350 -9.27 -25.60 -2.27
N PHE A 351 -9.72 -26.70 -1.67
CA PHE A 351 -10.41 -26.74 -0.38
C PHE A 351 -11.77 -26.05 -0.42
N MET A 352 -12.18 -25.50 -1.56
CA MET A 352 -13.44 -24.78 -1.68
C MET A 352 -14.47 -25.55 -2.49
N ASP A 353 -14.24 -26.85 -2.71
CA ASP A 353 -15.15 -27.70 -3.47
C ASP A 353 -16.02 -28.44 -2.46
N ARG A 354 -17.31 -28.10 -2.43
CA ARG A 354 -18.24 -28.76 -1.52
C ARG A 354 -18.41 -30.23 -1.89
N SER A 355 -18.31 -30.57 -3.17
CA SER A 355 -18.49 -31.95 -3.60
C SER A 355 -17.40 -32.85 -3.04
N ALA A 356 -16.16 -32.36 -2.98
CA ALA A 356 -15.01 -33.14 -2.51
C ALA A 356 -14.32 -32.36 -1.41
N PRO A 357 -14.86 -32.40 -0.19
CA PRO A 357 -14.24 -31.66 0.92
C PRO A 357 -12.86 -32.19 1.27
N GLN A 358 -11.99 -31.28 1.70
CA GLN A 358 -10.66 -31.60 2.22
C GLN A 358 -10.42 -30.82 3.50
N LEU A 359 -11.39 -30.86 4.40
CA LEU A 359 -11.34 -30.07 5.63
C LEU A 359 -10.14 -30.46 6.48
N ALA A 360 -9.91 -31.75 6.65
CA ALA A 360 -8.79 -32.20 7.48
C ALA A 360 -7.45 -31.76 6.90
N ASN A 361 -7.30 -31.90 5.57
CA ASN A 361 -6.06 -31.48 4.93
C ASN A 361 -5.86 -29.97 5.07
N LEU A 362 -6.93 -29.19 4.88
CA LEU A 362 -6.84 -27.75 5.02
C LEU A 362 -6.41 -27.35 6.43
N GLN A 363 -7.05 -27.95 7.44
CA GLN A 363 -6.71 -27.60 8.81
C GLN A 363 -5.29 -28.02 9.16
N GLU A 364 -4.86 -29.20 8.74
CA GLU A 364 -3.51 -29.63 9.03
C GLU A 364 -2.48 -28.72 8.36
N SER A 365 -2.71 -28.36 7.10
CA SER A 365 -1.79 -27.46 6.41
C SER A 365 -1.76 -26.10 7.07
N PHE A 366 -2.93 -25.57 7.44
CA PHE A 366 -2.99 -24.26 8.08
C PHE A 366 -2.27 -24.25 9.41
N ILE A 367 -2.43 -25.32 10.20
CA ILE A 367 -1.77 -25.38 11.49
C ILE A 367 -0.26 -25.54 11.32
N SER A 368 0.17 -26.40 10.40
CA SER A 368 1.59 -26.69 10.28
C SER A 368 2.35 -25.57 9.60
N HIS A 369 1.69 -24.78 8.75
CA HIS A 369 2.38 -23.77 7.95
C HIS A 369 2.15 -22.35 8.44
N ILE A 370 0.94 -22.02 8.90
CA ILE A 370 0.63 -20.64 9.28
C ILE A 370 0.64 -20.48 10.79
N VAL A 371 -0.24 -21.22 11.48
CA VAL A 371 -0.38 -21.06 12.93
C VAL A 371 0.84 -21.58 13.66
N GLY A 372 1.39 -22.70 13.19
CA GLY A 372 2.51 -23.34 13.86
C GLY A 372 3.74 -22.47 13.99
N PRO A 373 4.31 -22.03 12.86
CA PRO A 373 5.48 -21.15 12.94
C PRO A 373 5.22 -19.85 13.68
N LEU A 374 4.03 -19.27 13.53
CA LEU A 374 3.72 -18.03 14.22
C LEU A 374 3.70 -18.23 15.74
N CYS A 375 3.04 -19.29 16.20
CA CYS A 375 3.02 -19.58 17.62
C CYS A 375 4.42 -19.91 18.13
N ASN A 376 5.20 -20.64 17.34
CA ASN A 376 6.57 -20.96 17.75
C ASN A 376 7.41 -19.70 17.90
N SER A 377 7.31 -18.77 16.96
CA SER A 377 8.05 -17.52 17.06
C SER A 377 7.59 -16.69 18.25
N TYR A 378 6.27 -16.61 18.46
CA TYR A 378 5.75 -15.84 19.58
C TYR A 378 6.20 -16.42 20.92
N ASP A 379 6.23 -17.74 21.02
CA ASP A 379 6.69 -18.37 22.26
C ASP A 379 8.19 -18.21 22.44
N SER A 380 8.96 -18.31 21.36
CA SER A 380 10.41 -18.13 21.46
C SER A 380 10.77 -16.71 21.85
N ALA A 381 9.99 -15.72 21.40
CA ALA A 381 10.22 -14.35 21.84
C ALA A 381 10.02 -14.20 23.34
N GLY A 382 9.22 -15.08 23.95
CA GLY A 382 8.95 -15.01 25.37
C GLY A 382 7.69 -14.30 25.76
N LEU A 383 6.82 -13.97 24.79
CA LEU A 383 5.59 -13.25 25.07
C LEU A 383 4.38 -14.16 25.24
N MET A 384 4.57 -15.46 25.20
CA MET A 384 3.44 -16.38 25.27
C MET A 384 2.98 -16.53 26.72
N PRO A 385 1.70 -16.32 27.02
CA PRO A 385 1.22 -16.48 28.39
C PRO A 385 1.35 -17.93 28.85
N GLY A 386 1.56 -18.09 30.15
CA GLY A 386 1.70 -19.42 30.71
C GLY A 386 1.80 -19.36 32.22
N LYS A 387 2.15 -20.51 32.80
CA LYS A 387 2.29 -20.60 34.25
C LYS A 387 3.54 -21.42 34.58
N TRP A 388 4.09 -21.16 35.76
CA TRP A 388 5.23 -21.94 36.24
C TRP A 388 4.73 -23.23 36.87
N VAL A 389 5.39 -24.34 36.54
CA VAL A 389 5.06 -25.65 37.08
C VAL A 389 6.24 -26.12 37.94
N GLU A 390 5.96 -26.43 39.20
CA GLU A 390 7.00 -26.86 40.13
C GLU A 390 6.64 -28.19 40.77
N ARG A 431 12.40 -25.35 37.05
CA ARG A 431 11.12 -24.72 36.79
C ARG A 431 10.79 -24.70 35.31
N LYS A 432 9.61 -25.20 34.95
CA LYS A 432 9.16 -25.27 33.57
C LYS A 432 7.94 -24.38 33.37
N ILE A 433 7.69 -24.05 32.11
CA ILE A 433 6.58 -23.18 31.73
C ILE A 433 5.54 -24.01 31.01
N TYR A 434 4.28 -23.90 31.45
CA TYR A 434 3.15 -24.59 30.86
C TYR A 434 2.27 -23.57 30.16
N CYS A 435 2.01 -23.79 28.88
CA CYS A 435 1.18 -22.91 28.07
C CYS A 435 -0.03 -23.67 27.56
N GLN A 436 -1.22 -23.15 27.83
CA GLN A 436 -2.44 -23.80 27.35
C GLN A 436 -2.56 -23.68 25.84
N ILE A 437 -2.13 -22.54 25.28
CA ILE A 437 -2.29 -22.30 23.84
C ILE A 437 -1.47 -23.30 23.04
N THR A 438 -0.20 -23.49 23.42
CA THR A 438 0.66 -24.43 22.68
C THR A 438 0.16 -25.85 22.82
N GLN A 439 -0.28 -26.25 24.01
CA GLN A 439 -0.79 -27.60 24.21
C GLN A 439 -2.04 -27.83 23.36
N HIS A 440 -2.95 -26.86 23.34
CA HIS A 440 -4.15 -27.00 22.52
C HIS A 440 -3.80 -27.09 21.05
N LEU A 441 -2.84 -26.28 20.59
CA LEU A 441 -2.43 -26.34 19.19
C LEU A 441 -1.85 -27.71 18.84
N LEU A 442 -1.01 -28.25 19.73
CA LEU A 442 -0.43 -29.57 19.48
C LEU A 442 -1.51 -30.65 19.46
N GLN A 443 -2.46 -30.59 20.39
CA GLN A 443 -3.54 -31.57 20.42
C GLN A 443 -4.39 -31.50 19.15
N ASN A 444 -4.72 -30.29 18.70
CA ASN A 444 -5.51 -30.15 17.48
C ASN A 444 -4.74 -30.66 16.26
N HIS A 445 -3.44 -30.36 16.19
CA HIS A 445 -2.65 -30.86 15.08
C HIS A 445 -2.59 -32.38 15.07
N LYS A 446 -2.43 -32.99 16.24
CA LYS A 446 -2.43 -34.45 16.32
C LYS A 446 -3.79 -35.02 15.90
N MET A 447 -4.87 -34.36 16.31
CA MET A 447 -6.21 -34.81 15.91
C MET A 447 -6.37 -34.77 14.40
N TRP A 448 -5.92 -33.69 13.78
CA TRP A 448 -6.03 -33.59 12.32
C TRP A 448 -5.15 -34.61 11.62
N LYS A 449 -3.95 -34.87 12.14
CA LYS A 449 -3.09 -35.89 11.56
C LYS A 449 -3.76 -37.27 11.65
N LYS A 450 -4.37 -37.57 12.80
CA LYS A 450 -5.08 -38.84 12.94
C LYS A 450 -6.23 -38.95 11.96
N VAL A 451 -7.00 -37.86 11.79
CA VAL A 451 -8.11 -37.87 10.85
C VAL A 451 -7.61 -38.10 9.43
N ILE A 452 -6.52 -37.43 9.06
CA ILE A 452 -5.96 -37.58 7.71
C ILE A 452 -5.49 -39.01 7.49
N GLU A 453 -4.81 -39.59 8.49
CA GLU A 453 -4.34 -40.96 8.34
C GLU A 453 -5.50 -41.94 8.22
N GLU A 454 -6.56 -41.73 9.02
CA GLU A 454 -7.73 -42.61 8.92
C GLU A 454 -8.39 -42.50 7.55
N GLU A 455 -8.53 -41.27 7.04
CA GLU A 455 -9.14 -41.09 5.72
C GLU A 455 -8.30 -41.73 4.63
N GLN A 456 -6.97 -41.58 4.71
CA GLN A 456 -6.10 -42.19 3.72
C GLN A 456 -6.18 -43.71 3.78
N ARG A 457 -6.23 -44.29 4.98
CA ARG A 457 -6.37 -45.73 5.11
C ARG A 457 -7.70 -46.20 4.52
N LEU A 458 -8.78 -45.48 4.81
CA LEU A 458 -10.09 -45.86 4.27
C LEU A 458 -10.09 -45.78 2.74
N ALA A 459 -9.48 -44.74 2.18
CA ALA A 459 -9.39 -44.62 0.73
C ALA A 459 -8.56 -45.75 0.13
N GLY A 460 -7.45 -46.10 0.79
CA GLY A 460 -6.62 -47.19 0.28
C GLY A 460 -7.31 -48.53 0.33
N ILE A 461 -8.14 -48.76 1.36
CA ILE A 461 -8.87 -50.02 1.46
C ILE A 461 -9.83 -50.16 0.28
N GLU A 462 -10.55 -49.10 -0.05
CA GLU A 462 -11.48 -49.13 -1.18
C GLU A 462 -10.72 -49.07 -2.50
N ALA B 556 2.76 -27.20 0.67
CA ALA B 556 1.43 -26.62 0.80
C ALA B 556 1.15 -25.66 -0.36
N GLU B 557 1.17 -26.20 -1.59
CA GLU B 557 0.93 -25.37 -2.76
C GLU B 557 -0.47 -24.80 -2.76
N ASN B 558 -1.47 -25.61 -2.40
CA ASN B 558 -2.85 -25.15 -2.41
C ASN B 558 -3.09 -24.04 -1.39
N LEU B 559 -2.51 -24.18 -0.19
CA LEU B 559 -2.69 -23.16 0.83
C LEU B 559 -2.09 -21.83 0.39
N TYR B 560 -0.89 -21.86 -0.19
CA TYR B 560 -0.27 -20.65 -0.68
C TYR B 560 -1.03 -20.05 -1.85
N GLN B 561 -1.60 -20.90 -2.71
CA GLN B 561 -2.44 -20.40 -3.81
C GLN B 561 -3.66 -19.68 -3.27
N ILE B 562 -4.30 -20.25 -2.23
CA ILE B 562 -5.44 -19.58 -1.61
C ILE B 562 -5.03 -18.25 -1.01
N ILE B 563 -3.91 -18.25 -0.26
CA ILE B 563 -3.44 -17.01 0.35
C ILE B 563 -2.97 -16.03 -0.72
N GLY B 564 -2.33 -16.53 -1.77
CA GLY B 564 -1.80 -15.69 -2.82
C GLY B 564 -0.29 -15.58 -2.83
N ILE B 565 0.40 -16.33 -1.99
CA ILE B 565 1.86 -16.28 -1.93
C ILE B 565 2.46 -17.07 -3.10
N LYS C 31 -21.62 7.98 -21.12
CA LYS C 31 -21.04 8.99 -21.98
C LYS C 31 -19.57 8.72 -22.26
N PRO C 32 -19.28 7.81 -23.19
CA PRO C 32 -17.89 7.50 -23.52
C PRO C 32 -17.22 8.68 -24.21
N ILE C 33 -15.98 8.95 -23.78
CA ILE C 33 -15.21 10.08 -24.35
C ILE C 33 -14.42 9.50 -25.51
N LEU C 34 -15.05 9.50 -26.68
CA LEU C 34 -14.41 8.98 -27.88
C LEU C 34 -13.46 10.03 -28.47
N ALA C 35 -12.38 9.53 -29.07
CA ALA C 35 -11.38 10.40 -29.67
C ALA C 35 -11.93 11.06 -30.92
N PRO C 36 -11.38 12.21 -31.32
CA PRO C 36 -11.81 12.83 -32.58
C PRO C 36 -11.54 11.93 -33.76
N GLU C 37 -12.38 12.05 -34.79
CA GLU C 37 -12.29 11.17 -35.97
C GLU C 37 -10.93 11.18 -36.65
N PRO C 38 -10.26 12.33 -36.88
CA PRO C 38 -8.88 12.26 -37.38
C PRO C 38 -7.93 11.81 -36.29
N LEU C 39 -7.43 10.58 -36.39
CA LEU C 39 -6.54 10.05 -35.36
C LEU C 39 -5.14 10.63 -35.47
N VAL C 40 -4.71 10.96 -36.69
CA VAL C 40 -3.37 11.48 -36.94
C VAL C 40 -3.49 12.89 -37.48
N MET C 41 -2.75 13.83 -36.87
CA MET C 41 -2.75 15.22 -37.29
C MET C 41 -1.50 15.47 -38.13
N ASP C 42 -1.69 15.87 -39.38
CA ASP C 42 -0.56 16.05 -40.29
C ASP C 42 0.22 17.32 -40.00
N ASN C 43 -0.46 18.37 -39.52
CA ASN C 43 0.21 19.65 -39.29
C ASN C 43 1.32 19.55 -38.26
N LEU C 44 1.31 18.51 -37.42
CA LEU C 44 2.33 18.31 -36.41
C LEU C 44 3.52 17.49 -36.91
N ASP C 45 3.42 16.93 -38.12
CA ASP C 45 4.43 15.98 -38.58
C ASP C 45 5.83 16.59 -38.58
N SER C 46 5.91 17.90 -38.77
CA SER C 46 7.22 18.56 -38.73
C SER C 46 7.79 18.56 -37.32
N ILE C 47 7.00 19.01 -36.33
CA ILE C 47 7.53 19.20 -35.00
C ILE C 47 7.84 17.86 -34.33
N MET C 48 7.10 16.82 -34.70
CA MET C 48 7.39 15.50 -34.18
C MET C 48 8.77 15.01 -34.62
N GLU C 49 9.30 15.60 -35.70
CA GLU C 49 10.66 15.25 -36.13
C GLU C 49 11.68 15.61 -35.05
N GLN C 50 11.33 16.53 -34.15
CA GLN C 50 12.23 16.88 -33.06
C GLN C 50 11.95 16.05 -31.81
N LEU C 51 11.33 14.87 -31.98
CA LEU C 51 11.08 14.00 -30.84
C LEU C 51 12.34 13.24 -30.44
N ASN C 52 13.38 13.30 -31.27
CA ASN C 52 14.61 12.57 -31.02
C ASN C 52 15.63 13.35 -30.20
N THR C 53 15.29 14.55 -29.74
CA THR C 53 16.18 15.37 -28.94
C THR C 53 15.62 15.55 -27.55
N TRP C 54 16.51 15.72 -26.57
CA TRP C 54 16.09 15.82 -25.18
C TRP C 54 15.27 17.08 -24.93
N ASN C 55 15.72 18.22 -25.49
CA ASN C 55 15.03 19.49 -25.28
C ASN C 55 13.92 19.66 -26.31
N PHE C 56 12.88 18.85 -26.14
CA PHE C 56 11.75 18.86 -27.04
C PHE C 56 10.88 20.09 -26.78
N PRO C 57 10.64 20.95 -27.78
CA PRO C 57 9.78 22.12 -27.55
C PRO C 57 8.33 21.72 -27.38
N ILE C 58 7.99 21.20 -26.20
CA ILE C 58 6.65 20.68 -25.96
C ILE C 58 5.62 21.81 -25.94
N PHE C 59 6.00 22.97 -25.38
CA PHE C 59 5.06 24.08 -25.28
C PHE C 59 4.70 24.63 -26.65
N ASP C 60 5.65 24.64 -27.58
CA ASP C 60 5.34 25.00 -28.96
C ASP C 60 4.33 24.04 -29.56
N LEU C 61 4.47 22.75 -29.26
CA LEU C 61 3.48 21.77 -29.70
C LEU C 61 2.11 22.03 -29.09
N VAL C 62 2.07 22.43 -27.82
CA VAL C 62 0.79 22.75 -27.17
C VAL C 62 0.15 23.94 -27.88
N GLU C 63 0.95 24.97 -28.20
CA GLU C 63 0.42 26.12 -28.90
C GLU C 63 -0.09 25.74 -30.29
N ASN C 64 0.65 24.89 -31.00
CA ASN C 64 0.23 24.47 -32.35
C ASN C 64 -1.06 23.67 -32.30
N ILE C 65 -1.15 22.70 -31.40
CA ILE C 65 -2.34 21.86 -31.33
C ILE C 65 -3.54 22.66 -30.83
N GLY C 66 -3.37 23.43 -29.77
CA GLY C 66 -4.46 24.19 -29.20
C GLY C 66 -4.79 23.69 -27.80
N ARG C 67 -5.02 24.62 -26.88
CA ARG C 67 -5.30 24.26 -25.50
C ARG C 67 -6.71 23.71 -25.32
N LYS C 68 -7.64 24.10 -26.20
CA LYS C 68 -9.02 23.64 -26.06
C LYS C 68 -9.13 22.14 -26.31
N CYS C 69 -8.56 21.66 -27.42
CA CYS C 69 -8.69 20.25 -27.77
C CYS C 69 -7.90 19.37 -26.81
N GLY C 70 -6.66 19.75 -26.50
CA GLY C 70 -5.85 18.97 -25.59
C GLY C 70 -5.51 17.58 -26.10
N ARG C 71 -5.08 17.50 -27.36
CA ARG C 71 -4.73 16.23 -27.99
C ARG C 71 -3.24 15.95 -27.99
N ILE C 72 -2.47 16.68 -27.18
CA ILE C 72 -1.00 16.57 -27.24
C ILE C 72 -0.55 15.18 -26.84
N LEU C 73 -1.05 14.67 -25.71
CA LEU C 73 -0.58 13.39 -25.21
C LEU C 73 -0.92 12.25 -26.17
N SER C 74 -2.12 12.27 -26.76
CA SER C 74 -2.50 11.22 -27.69
C SER C 74 -1.60 11.22 -28.92
N GLN C 75 -1.36 12.40 -29.50
CA GLN C 75 -0.51 12.48 -30.69
C GLN C 75 0.92 12.06 -30.39
N VAL C 76 1.46 12.52 -29.27
CA VAL C 76 2.84 12.15 -28.92
C VAL C 76 2.95 10.66 -28.66
N SER C 77 1.96 10.08 -27.96
CA SER C 77 1.98 8.65 -27.69
C SER C 77 1.86 7.85 -28.99
N TYR C 78 1.02 8.31 -29.92
CA TYR C 78 0.91 7.63 -31.21
C TYR C 78 2.22 7.69 -31.97
N ARG C 79 2.88 8.85 -31.98
CA ARG C 79 4.16 8.97 -32.65
C ARG C 79 5.20 8.04 -32.03
N LEU C 80 5.25 7.99 -30.70
CA LEU C 80 6.24 7.14 -30.03
C LEU C 80 5.96 5.66 -30.29
N PHE C 81 4.68 5.26 -30.26
CA PHE C 81 4.33 3.87 -30.53
C PHE C 81 4.65 3.49 -31.97
N GLU C 82 4.43 4.41 -32.92
CA GLU C 82 4.82 4.14 -34.30
C GLU C 82 6.34 4.01 -34.42
N ASP C 83 7.08 4.87 -33.72
CA ASP C 83 8.54 4.79 -33.77
C ASP C 83 9.04 3.47 -33.20
N MET C 84 8.44 3.01 -32.10
CA MET C 84 8.83 1.73 -31.54
C MET C 84 8.29 0.57 -32.39
N GLY C 85 7.10 0.73 -32.95
CA GLY C 85 6.45 -0.36 -33.64
C GLY C 85 5.62 -1.27 -32.76
N LEU C 86 5.23 -0.80 -31.56
CA LEU C 86 4.42 -1.62 -30.68
C LEU C 86 3.04 -1.88 -31.26
N PHE C 87 2.60 -1.05 -32.21
CA PHE C 87 1.31 -1.27 -32.86
C PHE C 87 1.30 -2.59 -33.62
N GLU C 88 2.39 -2.91 -34.31
CA GLU C 88 2.47 -4.16 -35.04
C GLU C 88 3.00 -5.30 -34.17
N ALA C 89 3.83 -4.98 -33.18
CA ALA C 89 4.38 -6.03 -32.31
C ALA C 89 3.29 -6.70 -31.49
N PHE C 90 2.36 -5.92 -30.93
CA PHE C 90 1.29 -6.45 -30.11
C PHE C 90 -0.06 -6.42 -30.80
N LYS C 91 -0.10 -6.07 -32.09
CA LYS C 91 -1.34 -5.97 -32.85
C LYS C 91 -2.32 -5.02 -32.16
N ILE C 92 -1.80 -3.90 -31.68
CA ILE C 92 -2.59 -2.93 -30.93
C ILE C 92 -3.57 -2.22 -31.87
N PRO C 93 -4.87 -2.26 -31.59
CA PRO C 93 -5.82 -1.50 -32.42
C PRO C 93 -5.60 0.00 -32.25
N ILE C 94 -5.62 0.71 -33.37
CA ILE C 94 -5.37 2.15 -33.34
C ILE C 94 -6.55 2.88 -32.71
N ARG C 95 -7.78 2.46 -33.05
CA ARG C 95 -8.96 3.19 -32.60
C ARG C 95 -9.09 3.17 -31.09
N GLU C 96 -8.97 1.98 -30.48
CA GLU C 96 -9.09 1.85 -29.03
C GLU C 96 -7.96 2.60 -28.32
N PHE C 97 -6.74 2.50 -28.84
CA PHE C 97 -5.61 3.20 -28.26
C PHE C 97 -5.85 4.71 -28.25
N MET C 98 -6.25 5.26 -29.40
CA MET C 98 -6.49 6.69 -29.48
C MET C 98 -7.65 7.13 -28.59
N ASN C 99 -8.72 6.33 -28.55
CA ASN C 99 -9.85 6.67 -27.69
C ASN C 99 -9.44 6.72 -26.23
N TYR C 100 -8.71 5.69 -25.78
CA TYR C 100 -8.31 5.66 -24.37
C TYR C 100 -7.35 6.79 -24.03
N PHE C 101 -6.42 7.10 -24.94
CA PHE C 101 -5.48 8.18 -24.62
C PHE C 101 -6.15 9.54 -24.66
N HIS C 102 -7.15 9.73 -25.53
CA HIS C 102 -7.93 10.96 -25.48
C HIS C 102 -8.71 11.08 -24.18
N ALA C 103 -9.29 9.97 -23.71
CA ALA C 103 -9.97 9.99 -22.42
C ALA C 103 -8.98 10.30 -21.29
N LEU C 104 -7.77 9.77 -21.38
CA LEU C 104 -6.74 10.06 -20.39
C LEU C 104 -6.38 11.54 -20.40
N GLU C 105 -6.28 12.13 -21.60
CA GLU C 105 -6.04 13.57 -21.71
C GLU C 105 -7.16 14.36 -21.06
N ILE C 106 -8.41 13.96 -21.31
CA ILE C 106 -9.55 14.66 -20.71
C ILE C 106 -9.51 14.55 -19.20
N GLY C 107 -9.04 13.40 -18.69
CA GLY C 107 -8.99 13.21 -17.24
C GLY C 107 -8.07 14.19 -16.53
N TYR C 108 -6.94 14.52 -17.16
CA TYR C 108 -6.01 15.48 -16.56
C TYR C 108 -6.67 16.84 -16.40
N ARG C 109 -6.50 17.43 -15.22
CA ARG C 109 -7.09 18.72 -14.91
C ARG C 109 -6.19 19.86 -15.38
N ASP C 110 -6.78 21.04 -15.50
CA ASP C 110 -6.06 22.22 -15.96
C ASP C 110 -5.44 22.96 -14.78
N ILE C 111 -4.50 22.28 -14.13
CA ILE C 111 -3.75 22.85 -13.02
C ILE C 111 -2.39 23.28 -13.56
N PRO C 112 -1.69 24.22 -12.92
CA PRO C 112 -0.50 24.81 -13.54
C PRO C 112 0.59 23.82 -13.93
N TYR C 113 0.83 22.78 -13.13
CA TYR C 113 1.95 21.87 -13.39
C TYR C 113 1.49 20.46 -13.77
N HIS C 114 0.69 19.81 -12.93
CA HIS C 114 0.34 18.40 -13.13
C HIS C 114 -0.85 18.30 -14.09
N ASN C 115 -0.60 18.70 -15.33
CA ASN C 115 -1.59 18.62 -16.40
C ASN C 115 -1.08 17.66 -17.47
N ARG C 116 -1.82 17.58 -18.59
CA ARG C 116 -1.45 16.68 -19.66
C ARG C 116 -0.10 17.02 -20.27
N ILE C 117 0.33 18.28 -20.15
CA ILE C 117 1.65 18.66 -20.65
C ILE C 117 2.74 17.94 -19.88
N HIS C 118 2.59 17.85 -18.56
CA HIS C 118 3.56 17.11 -17.75
C HIS C 118 3.56 15.63 -18.10
N ALA C 119 2.38 15.06 -18.35
CA ALA C 119 2.30 13.65 -18.75
C ALA C 119 3.01 13.42 -20.07
N THR C 120 2.80 14.32 -21.04
CA THR C 120 3.49 14.20 -22.32
C THR C 120 4.99 14.33 -22.14
N ASP C 121 5.43 15.26 -21.29
CA ASP C 121 6.86 15.44 -21.05
C ASP C 121 7.47 14.19 -20.43
N VAL C 122 6.78 13.58 -19.47
CA VAL C 122 7.30 12.37 -18.83
C VAL C 122 7.34 11.21 -19.82
N LEU C 123 6.31 11.08 -20.66
CA LEU C 123 6.32 10.04 -21.68
C LEU C 123 7.47 10.23 -22.66
N HIS C 124 7.69 11.47 -23.11
CA HIS C 124 8.82 11.74 -23.99
C HIS C 124 10.14 11.43 -23.31
N ALA C 125 10.25 11.76 -22.01
CA ALA C 125 11.49 11.52 -21.29
C ALA C 125 11.76 10.02 -21.13
N VAL C 126 10.75 9.23 -20.82
CA VAL C 126 10.97 7.79 -20.70
C VAL C 126 11.32 7.20 -22.06
N TRP C 127 10.67 7.68 -23.13
CA TRP C 127 11.04 7.22 -24.46
C TRP C 127 12.48 7.56 -24.80
N TYR C 128 12.90 8.79 -24.47
CA TYR C 128 14.28 9.21 -24.73
C TYR C 128 15.27 8.36 -23.95
N LEU C 129 14.98 8.10 -22.67
CA LEU C 129 15.90 7.31 -21.84
C LEU C 129 15.98 5.87 -22.34
N THR C 130 14.85 5.29 -22.75
CA THR C 130 14.86 3.89 -23.16
C THR C 130 15.46 3.69 -24.54
N THR C 131 15.25 4.63 -25.46
CA THR C 131 15.57 4.41 -26.87
C THR C 131 16.91 4.99 -27.29
N GLN C 132 17.31 6.14 -26.76
CA GLN C 132 18.49 6.81 -27.25
C GLN C 132 19.75 6.01 -26.91
N PRO C 133 20.81 6.14 -27.72
CA PRO C 133 22.03 5.35 -27.48
C PRO C 133 22.64 5.66 -26.13
N ILE C 134 23.17 4.62 -25.50
CA ILE C 134 23.83 4.71 -24.21
C ILE C 134 25.25 4.16 -24.37
N PRO C 135 26.29 4.94 -24.09
CA PRO C 135 27.66 4.46 -24.33
C PRO C 135 28.01 3.29 -23.41
N GLY C 136 28.51 2.21 -24.02
CA GLY C 136 29.00 1.07 -23.28
C GLY C 136 27.95 0.09 -22.79
N LEU C 137 26.67 0.32 -23.10
CA LEU C 137 25.62 -0.58 -22.64
C LEU C 137 25.52 -1.77 -23.57
N SER C 138 25.84 -2.95 -23.05
CA SER C 138 25.73 -4.17 -23.83
C SER C 138 24.27 -4.55 -24.03
N THR C 139 23.97 -5.09 -25.20
CA THR C 139 22.61 -5.50 -25.55
C THR C 139 22.56 -7.01 -25.74
N VAL C 140 21.48 -7.62 -25.30
CA VAL C 140 21.30 -9.06 -25.42
C VAL C 140 20.95 -9.43 -26.86
N GLY C 162 9.14 -10.49 -27.64
CA GLY C 162 10.45 -10.18 -28.16
C GLY C 162 10.92 -8.78 -27.81
N TYR C 163 12.01 -8.35 -28.43
CA TYR C 163 12.57 -7.03 -28.18
C TYR C 163 12.20 -6.07 -29.31
N VAL C 164 12.17 -4.78 -28.97
CA VAL C 164 11.73 -3.74 -29.89
C VAL C 164 12.78 -2.63 -29.89
N PHE C 165 13.15 -2.16 -31.08
CA PHE C 165 14.11 -1.08 -31.24
C PHE C 165 13.45 0.09 -31.97
N SER C 166 13.84 1.31 -31.58
CA SER C 166 13.28 2.49 -32.18
C SER C 166 13.84 2.69 -33.59
N LYS C 167 13.06 3.39 -34.42
CA LYS C 167 13.47 3.68 -35.79
C LYS C 167 14.54 4.76 -35.88
N THR C 168 14.84 5.44 -34.77
CA THR C 168 15.87 6.47 -34.74
C THR C 168 17.18 5.96 -34.14
N TYR C 169 17.32 4.64 -33.98
CA TYR C 169 18.51 4.04 -33.39
C TYR C 169 19.30 3.31 -34.46
N ASN C 170 20.62 3.42 -34.38
CA ASN C 170 21.53 2.77 -35.32
C ASN C 170 22.02 1.47 -34.72
N VAL C 171 21.54 0.34 -35.25
CA VAL C 171 21.90 -0.96 -34.70
C VAL C 171 23.25 -1.40 -35.24
N THR C 172 23.70 -0.79 -36.34
CA THR C 172 24.98 -1.19 -36.94
C THR C 172 26.15 -0.88 -36.01
N ASP C 173 26.11 0.28 -35.35
CA ASP C 173 27.19 0.65 -34.45
C ASP C 173 27.20 -0.26 -33.23
N ASP C 174 28.40 -0.65 -32.80
CA ASP C 174 28.58 -1.56 -31.68
C ASP C 174 29.11 -0.86 -30.43
N LYS C 175 29.38 0.45 -30.50
CA LYS C 175 29.88 1.20 -29.37
C LYS C 175 28.76 1.81 -28.52
N TYR C 176 27.51 1.66 -28.91
CA TYR C 176 26.38 2.21 -28.19
C TYR C 176 25.33 1.14 -27.95
N GLY C 177 24.51 1.36 -26.92
CA GLY C 177 23.41 0.47 -26.61
C GLY C 177 22.20 1.27 -26.18
N CYS C 178 21.07 0.57 -26.07
CA CYS C 178 19.83 1.20 -25.63
C CYS C 178 19.11 0.26 -24.68
N LEU C 179 18.33 0.87 -23.77
CA LEU C 179 17.54 0.07 -22.84
C LEU C 179 16.47 -0.74 -23.53
N SER C 180 16.06 -0.33 -24.74
CA SER C 180 15.09 -1.11 -25.50
C SER C 180 15.65 -2.45 -25.95
N GLY C 181 16.97 -2.59 -26.04
CA GLY C 181 17.60 -3.84 -26.39
C GLY C 181 17.82 -4.80 -25.25
N ASN C 182 17.53 -4.39 -24.01
CA ASN C 182 17.65 -5.25 -22.85
C ASN C 182 16.34 -5.45 -22.10
N ILE C 183 15.32 -4.65 -22.37
CA ILE C 183 14.02 -4.73 -21.71
C ILE C 183 13.02 -5.25 -22.73
N PRO C 184 12.21 -6.25 -22.40
CA PRO C 184 11.25 -6.79 -23.36
C PRO C 184 10.22 -5.74 -23.76
N ALA C 185 9.59 -5.98 -24.93
CA ALA C 185 8.64 -5.03 -25.47
C ALA C 185 7.44 -4.83 -24.56
N LEU C 186 6.97 -5.90 -23.91
CA LEU C 186 5.84 -5.78 -23.01
C LEU C 186 6.17 -4.86 -21.84
N GLU C 187 7.36 -5.01 -21.26
CA GLU C 187 7.76 -4.16 -20.15
C GLU C 187 7.94 -2.71 -20.59
N LEU C 188 8.47 -2.49 -21.79
CA LEU C 188 8.60 -1.13 -22.30
C LEU C 188 7.23 -0.49 -22.51
N MET C 189 6.28 -1.25 -23.07
CA MET C 189 4.93 -0.72 -23.23
C MET C 189 4.29 -0.41 -21.88
N ALA C 190 4.52 -1.27 -20.90
CA ALA C 190 4.01 -1.01 -19.56
C ALA C 190 4.62 0.27 -18.98
N LEU C 191 5.92 0.48 -19.18
CA LEU C 191 6.56 1.68 -18.70
C LEU C 191 6.00 2.93 -19.37
N TYR C 192 5.79 2.88 -20.69
CA TYR C 192 5.24 4.01 -21.40
C TYR C 192 3.82 4.32 -20.94
N VAL C 193 2.99 3.29 -20.78
CA VAL C 193 1.62 3.49 -20.32
C VAL C 193 1.61 4.04 -18.90
N ALA C 194 2.48 3.54 -18.03
CA ALA C 194 2.54 4.06 -16.66
C ALA C 194 2.98 5.52 -16.66
N ALA C 195 3.96 5.88 -17.49
CA ALA C 195 4.36 7.28 -17.60
C ALA C 195 3.20 8.13 -18.08
N ALA C 196 2.38 7.61 -18.99
CA ALA C 196 1.18 8.33 -19.40
C ALA C 196 0.17 8.42 -18.26
N MET C 197 0.20 7.48 -17.32
CA MET C 197 -0.75 7.41 -16.22
C MET C 197 -0.18 7.89 -14.88
N HIS C 198 1.06 8.38 -14.86
CA HIS C 198 1.76 8.55 -13.59
C HIS C 198 1.06 9.56 -12.68
N ASP C 199 0.56 10.66 -13.23
CA ASP C 199 -0.09 11.69 -12.43
C ASP C 199 -1.53 11.92 -12.86
N TYR C 200 -2.27 10.87 -13.19
CA TYR C 200 -3.63 11.02 -13.66
C TYR C 200 -4.54 11.54 -12.55
N ASP C 201 -5.43 12.47 -12.92
CA ASP C 201 -6.43 13.03 -12.00
C ASP C 201 -5.78 13.65 -10.77
N HIS C 202 -4.65 14.32 -10.99
CA HIS C 202 -3.95 14.97 -9.88
C HIS C 202 -4.77 16.16 -9.39
N PRO C 203 -5.00 16.27 -8.08
CA PRO C 203 -5.79 17.37 -7.54
C PRO C 203 -5.02 18.66 -7.31
N GLY C 204 -3.75 18.72 -7.68
CA GLY C 204 -2.95 19.90 -7.45
C GLY C 204 -2.44 20.07 -6.03
N ARG C 205 -2.55 19.04 -5.21
CA ARG C 205 -2.13 19.11 -3.81
C ARG C 205 -1.17 17.96 -3.52
N THR C 206 -0.28 18.20 -2.56
CA THR C 206 0.70 17.19 -2.18
C THR C 206 0.08 16.15 -1.26
N ASN C 207 0.82 15.06 -1.04
CA ASN C 207 0.36 14.02 -0.13
C ASN C 207 0.22 14.55 1.30
N ALA C 208 1.17 15.37 1.73
CA ALA C 208 1.13 15.89 3.10
C ALA C 208 -0.11 16.75 3.32
N PHE C 209 -0.48 17.56 2.34
CA PHE C 209 -1.68 18.38 2.48
C PHE C 209 -2.93 17.52 2.59
N LEU C 210 -3.03 16.48 1.77
CA LEU C 210 -4.19 15.60 1.84
C LEU C 210 -4.25 14.85 3.17
N VAL C 211 -3.11 14.39 3.67
CA VAL C 211 -3.09 13.68 4.94
C VAL C 211 -3.47 14.61 6.09
N ALA C 212 -2.90 15.81 6.10
CA ALA C 212 -3.14 16.74 7.21
C ALA C 212 -4.59 17.20 7.24
N THR C 213 -5.19 17.44 6.07
CA THR C 213 -6.57 17.92 6.01
C THR C 213 -7.59 16.81 6.09
N SER C 214 -7.17 15.55 6.20
CA SER C 214 -8.06 14.39 6.27
C SER C 214 -8.98 14.35 5.05
N ALA C 215 -8.39 14.49 3.87
CA ALA C 215 -9.16 14.45 2.64
C ALA C 215 -9.72 13.05 2.43
N PRO C 216 -10.84 12.92 1.70
CA PRO C 216 -11.41 11.58 1.47
C PRO C 216 -10.45 10.64 0.76
N GLN C 217 -9.61 11.15 -0.13
CA GLN C 217 -8.62 10.30 -0.78
C GLN C 217 -7.62 9.76 0.23
N ALA C 218 -7.21 10.59 1.19
CA ALA C 218 -6.27 10.14 2.21
C ALA C 218 -6.89 9.06 3.08
N VAL C 219 -8.16 9.22 3.46
CA VAL C 219 -8.83 8.23 4.28
C VAL C 219 -9.03 6.93 3.50
N LEU C 220 -9.31 7.05 2.19
CA LEU C 220 -9.55 5.86 1.38
C LEU C 220 -8.31 4.97 1.29
N TYR C 221 -7.14 5.57 1.15
CA TYR C 221 -5.90 4.82 1.00
C TYR C 221 -5.09 4.76 2.30
N ASN C 222 -5.68 5.17 3.42
CA ASN C 222 -5.06 5.04 4.74
C ASN C 222 -3.71 5.75 4.83
N ASP C 223 -3.64 6.93 4.19
CA ASP C 223 -2.45 7.79 4.26
C ASP C 223 -1.20 7.05 3.80
N ARG C 224 -1.34 6.21 2.79
CA ARG C 224 -0.23 5.44 2.22
C ARG C 224 -0.21 5.67 0.71
N SER C 225 0.68 6.56 0.26
CA SER C 225 0.84 6.89 -1.16
C SER C 225 -0.51 7.24 -1.78
N VAL C 226 -1.14 8.27 -1.22
CA VAL C 226 -2.50 8.63 -1.61
C VAL C 226 -2.56 9.01 -3.08
N LEU C 227 -1.66 9.89 -3.51
CA LEU C 227 -1.72 10.41 -4.87
C LEU C 227 -1.45 9.30 -5.88
N GLU C 228 -0.39 8.52 -5.67
CA GLU C 228 -0.01 7.50 -6.65
C GLU C 228 -1.05 6.40 -6.73
N ASN C 229 -1.55 5.95 -5.58
CA ASN C 229 -2.61 4.95 -5.57
C ASN C 229 -3.86 5.48 -6.27
N HIS C 230 -4.22 6.73 -6.02
CA HIS C 230 -5.38 7.31 -6.69
C HIS C 230 -5.18 7.37 -8.19
N HIS C 231 -3.99 7.77 -8.64
CA HIS C 231 -3.72 7.85 -10.07
C HIS C 231 -3.86 6.49 -10.72
N ALA C 232 -3.19 5.48 -10.15
CA ALA C 232 -3.25 4.14 -10.74
C ALA C 232 -4.66 3.59 -10.73
N ALA C 233 -5.38 3.74 -9.62
CA ALA C 233 -6.73 3.20 -9.52
C ALA C 233 -7.66 3.88 -10.52
N ALA C 234 -7.59 5.21 -10.62
CA ALA C 234 -8.45 5.92 -11.55
C ALA C 234 -8.13 5.55 -13.00
N ALA C 235 -6.83 5.45 -13.32
CA ALA C 235 -6.46 5.09 -14.70
C ALA C 235 -6.96 3.69 -15.06
N TRP C 236 -6.79 2.73 -14.16
CA TRP C 236 -7.24 1.38 -14.48
C TRP C 236 -8.77 1.27 -14.48
N ASN C 237 -9.45 2.02 -13.62
CA ASN C 237 -10.91 2.04 -13.65
C ASN C 237 -11.41 2.62 -14.96
N LEU C 238 -10.77 3.69 -15.45
CA LEU C 238 -11.13 4.24 -16.75
C LEU C 238 -10.85 3.25 -17.87
N PHE C 239 -9.73 2.53 -17.79
CA PHE C 239 -9.41 1.56 -18.81
C PHE C 239 -10.43 0.43 -18.86
N MET C 240 -10.87 -0.05 -17.70
CA MET C 240 -11.79 -1.17 -17.63
C MET C 240 -13.25 -0.74 -17.69
N SER C 241 -13.54 0.56 -17.68
CA SER C 241 -14.93 1.02 -17.67
C SER C 241 -15.59 0.82 -19.03
N ARG C 242 -14.88 1.12 -20.12
CA ARG C 242 -15.49 1.06 -21.44
C ARG C 242 -14.79 0.04 -22.32
N PRO C 243 -15.55 -0.77 -23.06
CA PRO C 243 -14.92 -1.69 -24.03
C PRO C 243 -14.15 -0.97 -25.12
N GLU C 244 -14.54 0.26 -25.46
CA GLU C 244 -13.88 1.00 -26.53
C GLU C 244 -12.47 1.45 -26.16
N TYR C 245 -12.10 1.38 -24.88
CA TYR C 245 -10.77 1.76 -24.43
C TYR C 245 -9.83 0.57 -24.32
N ASN C 246 -10.29 -0.63 -24.65
CA ASN C 246 -9.50 -1.86 -24.47
C ASN C 246 -8.65 -2.06 -25.73
N PHE C 247 -7.45 -1.48 -25.72
CA PHE C 247 -6.49 -1.67 -26.79
C PHE C 247 -5.55 -2.85 -26.55
N LEU C 248 -5.74 -3.58 -25.45
CA LEU C 248 -4.92 -4.73 -25.10
C LEU C 248 -5.69 -6.03 -25.25
N ILE C 249 -6.70 -6.05 -26.12
CA ILE C 249 -7.54 -7.23 -26.28
C ILE C 249 -6.76 -8.41 -26.84
N ASN C 250 -5.66 -8.16 -27.55
CA ASN C 250 -4.86 -9.21 -28.16
C ASN C 250 -3.88 -9.84 -27.19
N LEU C 251 -3.82 -9.37 -25.95
CA LEU C 251 -2.95 -9.97 -24.94
C LEU C 251 -3.70 -11.09 -24.21
N ASP C 252 -2.98 -12.15 -23.88
CA ASP C 252 -3.57 -13.25 -23.13
C ASP C 252 -3.79 -12.85 -21.67
N HIS C 253 -4.41 -13.76 -20.92
CA HIS C 253 -4.77 -13.46 -19.53
C HIS C 253 -3.53 -13.23 -18.67
N VAL C 254 -2.50 -14.07 -18.83
CA VAL C 254 -1.30 -13.94 -18.02
C VAL C 254 -0.54 -12.68 -18.38
N GLU C 255 -0.41 -12.40 -19.68
CA GLU C 255 0.28 -11.19 -20.11
C GLU C 255 -0.43 -9.93 -19.65
N PHE C 256 -1.76 -9.92 -19.67
CA PHE C 256 -2.49 -8.76 -19.19
C PHE C 256 -2.25 -8.52 -17.71
N LYS C 257 -2.24 -9.59 -16.91
CA LYS C 257 -1.98 -9.45 -15.48
C LYS C 257 -0.57 -8.94 -15.23
N HIS C 258 0.41 -9.46 -15.96
CA HIS C 258 1.78 -9.00 -15.79
C HIS C 258 1.93 -7.53 -16.21
N PHE C 259 1.28 -7.15 -17.30
CA PHE C 259 1.30 -5.76 -17.75
C PHE C 259 0.68 -4.85 -16.70
N ARG C 260 -0.46 -5.24 -16.13
CA ARG C 260 -1.10 -4.44 -15.10
C ARG C 260 -0.21 -4.30 -13.87
N PHE C 261 0.42 -5.40 -13.47
CA PHE C 261 1.32 -5.35 -12.32
C PHE C 261 2.49 -4.40 -12.58
N LEU C 262 3.09 -4.47 -13.77
CA LEU C 262 4.21 -3.59 -14.09
C LEU C 262 3.78 -2.13 -14.11
N VAL C 263 2.62 -1.84 -14.71
CA VAL C 263 2.14 -0.46 -14.78
C VAL C 263 1.88 0.08 -13.38
N ILE C 264 1.24 -0.73 -12.52
CA ILE C 264 0.94 -0.28 -11.17
C ILE C 264 2.23 -0.03 -10.38
N GLU C 265 3.20 -0.94 -10.50
CA GLU C 265 4.47 -0.75 -9.80
C GLU C 265 5.18 0.51 -10.27
N ALA C 266 5.20 0.75 -11.59
CA ALA C 266 5.86 1.94 -12.10
C ALA C 266 5.16 3.21 -11.65
N ILE C 267 3.82 3.21 -11.65
CA ILE C 267 3.09 4.38 -11.19
C ILE C 267 3.36 4.65 -9.72
N LEU C 268 3.35 3.61 -8.90
CA LEU C 268 3.59 3.79 -7.47
C LEU C 268 5.04 4.18 -7.17
N ALA C 269 5.98 3.86 -8.06
CA ALA C 269 7.35 4.27 -7.85
C ALA C 269 7.54 5.78 -7.94
N THR C 270 6.59 6.50 -8.55
CA THR C 270 6.73 7.94 -8.72
C THR C 270 6.55 8.72 -7.44
N ASP C 271 6.16 8.08 -6.34
CA ASP C 271 5.99 8.78 -5.08
C ASP C 271 7.33 9.27 -4.55
N LEU C 272 7.39 10.54 -4.15
CA LEU C 272 8.63 11.11 -3.63
C LEU C 272 8.86 10.76 -2.17
N LYS C 273 7.83 10.30 -1.46
CA LYS C 273 8.01 9.91 -0.06
C LYS C 273 8.90 8.68 0.05
N LYS C 274 8.86 7.80 -0.96
CA LYS C 274 9.70 6.61 -1.02
C LYS C 274 10.90 6.80 -1.95
N HIS C 275 11.23 8.04 -2.29
CA HIS C 275 12.31 8.30 -3.23
C HIS C 275 13.64 7.78 -2.72
N PHE C 276 13.95 8.06 -1.45
CA PHE C 276 15.23 7.64 -0.89
C PHE C 276 15.30 6.12 -0.75
N ASP C 277 14.16 5.47 -0.49
CA ASP C 277 14.15 4.01 -0.44
C ASP C 277 14.55 3.42 -1.79
N PHE C 278 13.95 3.92 -2.88
CA PHE C 278 14.31 3.44 -4.20
C PHE C 278 15.76 3.75 -4.53
N VAL C 279 16.23 4.95 -4.16
CA VAL C 279 17.61 5.31 -4.45
C VAL C 279 18.57 4.38 -3.72
N ALA C 280 18.30 4.10 -2.45
CA ALA C 280 19.16 3.21 -1.68
C ALA C 280 19.15 1.79 -2.24
N LYS C 281 17.96 1.30 -2.61
CA LYS C 281 17.87 -0.04 -3.17
C LYS C 281 18.63 -0.15 -4.49
N PHE C 282 18.49 0.86 -5.35
CA PHE C 282 19.19 0.86 -6.62
C PHE C 282 20.70 0.96 -6.43
N ASN C 283 21.15 1.80 -5.49
CA ASN C 283 22.57 1.89 -5.22
C ASN C 283 23.13 0.58 -4.68
N GLY C 284 22.38 -0.08 -3.79
CA GLY C 284 22.82 -1.37 -3.30
C GLY C 284 22.89 -2.42 -4.38
N LYS C 285 21.91 -2.44 -5.29
CA LYS C 285 21.94 -3.39 -6.39
C LYS C 285 23.10 -3.12 -7.35
N VAL C 286 23.37 -1.84 -7.66
CA VAL C 286 24.43 -1.50 -8.60
C VAL C 286 25.81 -1.76 -8.00
N ASN C 287 26.02 -1.40 -6.73
CA ASN C 287 27.34 -1.55 -6.12
C ASN C 287 27.69 -3.02 -5.91
N ASP C 288 26.70 -3.91 -6.04
CA ASP C 288 26.97 -5.33 -5.92
C ASP C 288 27.87 -5.80 -7.06
N ASP C 289 28.73 -6.78 -6.75
CA ASP C 289 29.65 -7.29 -7.77
C ASP C 289 28.88 -7.94 -8.92
N VAL C 290 27.73 -8.52 -8.63
CA VAL C 290 26.88 -9.08 -9.69
C VAL C 290 26.41 -7.98 -10.62
N GLY C 291 26.02 -6.84 -10.06
CA GLY C 291 25.53 -5.73 -10.86
C GLY C 291 24.10 -5.94 -11.33
N ILE C 292 23.73 -5.16 -12.34
CA ILE C 292 22.38 -5.26 -12.90
C ILE C 292 22.30 -6.47 -13.82
N ASP C 293 21.33 -7.34 -13.53
CA ASP C 293 21.10 -8.55 -14.33
C ASP C 293 19.84 -8.34 -15.15
N TRP C 294 20.00 -8.26 -16.47
CA TRP C 294 18.89 -8.00 -17.36
C TRP C 294 18.03 -9.23 -17.61
N THR C 295 18.47 -10.41 -17.17
CA THR C 295 17.65 -11.61 -17.24
C THR C 295 16.75 -11.78 -16.02
N ASN C 296 16.85 -10.89 -15.04
CA ASN C 296 16.04 -10.95 -13.84
C ASN C 296 14.86 -10.00 -13.96
N GLU C 297 13.66 -10.50 -13.67
CA GLU C 297 12.47 -9.66 -13.77
C GLU C 297 12.50 -8.52 -12.76
N ASN C 298 12.96 -8.81 -11.54
CA ASN C 298 13.00 -7.79 -10.50
C ASN C 298 13.96 -6.65 -10.86
N ASP C 299 15.12 -6.99 -11.42
CA ASP C 299 16.08 -5.97 -11.81
C ASP C 299 15.52 -5.10 -12.93
N ARG C 300 14.86 -5.70 -13.91
CA ARG C 300 14.25 -4.92 -14.98
C ARG C 300 13.14 -4.02 -14.45
N LEU C 301 12.34 -4.53 -13.51
CA LEU C 301 11.31 -3.70 -12.89
C LEU C 301 11.92 -2.52 -12.14
N LEU C 302 13.01 -2.76 -11.42
CA LEU C 302 13.68 -1.68 -10.71
C LEU C 302 14.25 -0.65 -11.69
N VAL C 303 14.80 -1.11 -12.81
CA VAL C 303 15.34 -0.19 -13.81
C VAL C 303 14.21 0.66 -14.40
N CYS C 304 13.07 0.04 -14.71
CA CYS C 304 11.94 0.80 -15.24
C CYS C 304 11.43 1.81 -14.21
N GLN C 305 11.37 1.42 -12.94
CA GLN C 305 10.95 2.34 -11.90
C GLN C 305 11.91 3.52 -11.78
N MET C 306 13.22 3.24 -11.85
CA MET C 306 14.19 4.33 -11.81
C MET C 306 14.06 5.25 -13.02
N CYS C 307 13.80 4.68 -14.20
CA CYS C 307 13.62 5.50 -15.39
C CYS C 307 12.40 6.42 -15.24
N ILE C 308 11.29 5.88 -14.76
CA ILE C 308 10.09 6.72 -14.63
C ILE C 308 10.28 7.76 -13.53
N LYS C 309 10.98 7.40 -12.45
CA LYS C 309 11.27 8.37 -11.40
C LYS C 309 12.13 9.51 -11.92
N LEU C 310 13.18 9.19 -12.69
CA LEU C 310 14.03 10.21 -13.26
C LEU C 310 13.26 11.08 -14.24
N ALA C 311 12.39 10.48 -15.04
CA ALA C 311 11.62 11.24 -16.02
C ALA C 311 10.57 12.12 -15.36
N ASP C 312 10.08 11.74 -14.19
CA ASP C 312 9.05 12.55 -13.54
C ASP C 312 9.61 13.88 -13.03
N ILE C 313 10.91 13.95 -12.76
CA ILE C 313 11.52 15.16 -12.25
C ILE C 313 12.61 15.63 -13.20
N ASN C 314 12.42 15.38 -14.50
CA ASN C 314 13.41 15.74 -15.51
C ASN C 314 13.50 17.23 -15.78
N GLY C 315 12.59 18.04 -15.22
CA GLY C 315 12.52 19.46 -15.48
C GLY C 315 13.82 20.21 -15.24
N PRO C 316 14.43 20.04 -14.06
CA PRO C 316 15.72 20.70 -13.81
C PRO C 316 16.82 20.22 -14.73
N ALA C 317 16.68 19.07 -15.38
CA ALA C 317 17.71 18.53 -16.25
C ALA C 317 17.60 19.00 -17.69
N LYS C 318 16.66 19.90 -17.99
CA LYS C 318 16.46 20.41 -19.34
C LYS C 318 17.22 21.72 -19.52
N CYS C 319 16.95 22.38 -20.65
CA CYS C 319 17.56 23.68 -20.91
C CYS C 319 16.98 24.75 -19.99
N LYS C 320 17.54 25.95 -20.08
CA LYS C 320 17.15 27.02 -19.15
C LYS C 320 15.69 27.41 -19.31
N GLU C 321 15.20 27.54 -20.54
CA GLU C 321 13.85 28.02 -20.77
C GLU C 321 12.81 27.02 -20.26
N LEU C 322 12.97 25.75 -20.63
CA LEU C 322 12.03 24.74 -20.16
C LEU C 322 12.07 24.59 -18.65
N HIS C 323 13.27 24.63 -18.07
CA HIS C 323 13.39 24.53 -16.62
C HIS C 323 12.69 25.69 -15.93
N LEU C 324 12.87 26.91 -16.44
CA LEU C 324 12.23 28.07 -15.83
C LEU C 324 10.71 27.99 -15.97
N GLN C 325 10.21 27.53 -17.12
CA GLN C 325 8.77 27.42 -17.30
C GLN C 325 8.17 26.37 -16.35
N TRP C 326 8.83 25.22 -16.23
CA TRP C 326 8.34 24.20 -15.31
C TRP C 326 8.41 24.68 -13.85
N THR C 327 9.47 25.41 -13.51
CA THR C 327 9.57 25.96 -12.16
C THR C 327 8.44 26.96 -11.90
N ASP C 328 8.13 27.81 -12.89
CA ASP C 328 7.03 28.74 -12.73
C ASP C 328 5.71 28.01 -12.52
N GLY C 329 5.48 26.95 -13.29
CA GLY C 329 4.26 26.17 -13.10
C GLY C 329 4.17 25.54 -11.73
N ILE C 330 5.25 24.92 -11.26
CA ILE C 330 5.21 24.23 -9.98
C ILE C 330 5.06 25.23 -8.83
N VAL C 331 5.70 26.39 -8.94
CA VAL C 331 5.55 27.37 -7.87
C VAL C 331 4.15 27.99 -7.89
N ASN C 332 3.54 28.12 -9.07
CA ASN C 332 2.14 28.56 -9.10
C ASN C 332 1.24 27.55 -8.41
N GLU C 333 1.47 26.26 -8.65
CA GLU C 333 0.69 25.23 -7.96
C GLU C 333 0.93 25.29 -6.45
N PHE C 334 2.17 25.49 -6.04
CA PHE C 334 2.49 25.62 -4.61
C PHE C 334 1.78 26.83 -4.01
N TYR C 335 1.73 27.94 -4.74
CA TYR C 335 1.08 29.14 -4.23
C TYR C 335 -0.43 28.92 -4.08
N GLU C 336 -1.04 28.22 -5.03
CA GLU C 336 -2.45 27.88 -4.89
C GLU C 336 -2.69 26.99 -3.67
N GLN C 337 -1.81 25.99 -3.47
CA GLN C 337 -1.94 25.13 -2.30
C GLN C 337 -1.78 25.91 -1.01
N GLY C 338 -0.83 26.84 -0.98
CA GLY C 338 -0.64 27.66 0.22
C GLY C 338 -1.81 28.59 0.48
N ASP C 339 -2.42 29.13 -0.57
CA ASP C 339 -3.63 29.92 -0.39
C ASP C 339 -4.75 29.08 0.19
N GLU C 340 -4.90 27.84 -0.29
CA GLU C 340 -5.91 26.96 0.28
C GLU C 340 -5.61 26.66 1.75
N GLU C 341 -4.34 26.44 2.08
CA GLU C 341 -3.96 26.19 3.47
C GLU C 341 -4.29 27.38 4.35
N ALA C 342 -3.99 28.59 3.87
CA ALA C 342 -4.31 29.79 4.64
C ALA C 342 -5.82 29.94 4.81
N SER C 343 -6.59 29.62 3.78
CA SER C 343 -8.05 29.68 3.90
C SER C 343 -8.55 28.68 4.93
N LEU C 344 -7.98 27.47 4.95
CA LEU C 344 -8.40 26.45 5.90
C LEU C 344 -7.91 26.71 7.32
N GLY C 345 -7.00 27.65 7.52
CA GLY C 345 -6.48 27.96 8.83
C GLY C 345 -5.23 27.19 9.23
N LEU C 346 -4.81 26.22 8.44
CA LEU C 346 -3.57 25.50 8.73
C LEU C 346 -2.38 26.41 8.47
N PRO C 347 -1.26 26.18 9.17
CA PRO C 347 -0.05 26.96 8.89
C PRO C 347 0.42 26.77 7.45
N ILE C 348 0.91 27.85 6.85
CA ILE C 348 1.34 27.79 5.46
C ILE C 348 2.61 26.97 5.35
N SER C 349 2.60 26.00 4.46
CA SER C 349 3.76 25.15 4.25
C SER C 349 4.91 25.95 3.64
N PRO C 350 6.15 25.52 3.85
CA PRO C 350 7.28 26.26 3.28
C PRO C 350 7.23 26.29 1.76
N PHE C 351 7.80 27.35 1.19
CA PHE C 351 7.89 27.60 -0.25
C PHE C 351 6.53 27.82 -0.90
N MET C 352 5.43 27.77 -0.13
CA MET C 352 4.09 27.94 -0.66
C MET C 352 3.47 29.27 -0.26
N ASP C 353 4.28 30.20 0.22
CA ASP C 353 3.81 31.52 0.62
C ASP C 353 4.05 32.48 -0.54
N ARG C 354 2.96 32.93 -1.16
CA ARG C 354 3.08 33.88 -2.28
C ARG C 354 3.65 35.21 -1.82
N SER C 355 3.37 35.61 -0.57
CA SER C 355 3.85 36.89 -0.06
C SER C 355 5.37 36.91 0.04
N ALA C 356 5.98 35.79 0.44
CA ALA C 356 7.43 35.70 0.61
C ALA C 356 7.94 34.51 -0.20
N PRO C 357 8.11 34.68 -1.50
CA PRO C 357 8.58 33.57 -2.33
C PRO C 357 10.00 33.16 -1.98
N GLN C 358 10.27 31.86 -2.12
CA GLN C 358 11.60 31.28 -1.98
C GLN C 358 11.87 30.32 -3.13
N LEU C 359 11.60 30.79 -4.34
CA LEU C 359 11.71 29.95 -5.53
C LEU C 359 13.13 29.45 -5.73
N ALA C 360 14.11 30.33 -5.60
CA ALA C 360 15.50 29.93 -5.81
C ALA C 360 15.94 28.90 -4.77
N ASN C 361 15.56 29.11 -3.51
CA ASN C 361 15.91 28.16 -2.46
C ASN C 361 15.25 26.81 -2.72
N LEU C 362 13.97 26.83 -3.12
CA LEU C 362 13.27 25.58 -3.41
C LEU C 362 13.93 24.82 -4.54
N GLN C 363 14.26 25.52 -5.63
CA GLN C 363 14.88 24.85 -6.77
C GLN C 363 16.27 24.31 -6.42
N GLU C 364 17.06 25.08 -5.68
CA GLU C 364 18.38 24.61 -5.30
C GLU C 364 18.30 23.38 -4.40
N SER C 365 17.39 23.41 -3.42
CA SER C 365 17.22 22.25 -2.55
C SER C 365 16.75 21.04 -3.32
N PHE C 366 15.78 21.23 -4.22
CA PHE C 366 15.26 20.12 -5.01
C PHE C 366 16.32 19.51 -5.90
N ILE C 367 17.16 20.35 -6.52
CA ILE C 367 18.21 19.83 -7.38
C ILE C 367 19.29 19.12 -6.56
N SER C 368 19.69 19.70 -5.43
CA SER C 368 20.80 19.14 -4.68
C SER C 368 20.40 17.89 -3.90
N HIS C 369 19.13 17.76 -3.54
CA HIS C 369 18.68 16.66 -2.68
C HIS C 369 17.91 15.58 -3.42
N ILE C 370 17.07 15.94 -4.40
CA ILE C 370 16.23 14.96 -5.06
C ILE C 370 16.79 14.61 -6.43
N VAL C 371 16.89 15.61 -7.31
CA VAL C 371 17.31 15.35 -8.69
C VAL C 371 18.78 14.96 -8.74
N GLY C 372 19.61 15.61 -7.93
CA GLY C 372 21.04 15.40 -7.96
C GLY C 372 21.46 13.96 -7.68
N PRO C 373 21.13 13.45 -6.49
CA PRO C 373 21.48 12.06 -6.19
C PRO C 373 20.87 11.05 -7.15
N LEU C 374 19.63 11.30 -7.61
CA LEU C 374 19.00 10.36 -8.53
C LEU C 374 19.74 10.32 -9.87
N CYS C 375 20.09 11.49 -10.41
CA CYS C 375 20.84 11.53 -11.65
C CYS C 375 22.23 10.92 -11.46
N ASN C 376 22.86 11.17 -10.32
CA ASN C 376 24.17 10.60 -10.05
C ASN C 376 24.11 9.07 -10.02
N SER C 377 23.10 8.52 -9.34
CA SER C 377 22.94 7.07 -9.29
C SER C 377 22.65 6.49 -10.67
N TYR C 378 21.77 7.15 -11.44
CA TYR C 378 21.45 6.66 -12.77
C TYR C 378 22.66 6.68 -13.69
N ASP C 379 23.49 7.72 -13.58
CA ASP C 379 24.69 7.79 -14.40
C ASP C 379 25.73 6.76 -13.95
N SER C 380 25.87 6.56 -12.64
CA SER C 380 26.82 5.57 -12.13
C SER C 380 26.42 4.16 -12.53
N ALA C 381 25.12 3.88 -12.61
CA ALA C 381 24.69 2.58 -13.10
C ALA C 381 25.09 2.35 -14.55
N GLY C 382 25.30 3.43 -15.31
CA GLY C 382 25.67 3.32 -16.70
C GLY C 382 24.55 3.43 -17.69
N LEU C 383 23.34 3.79 -17.25
CA LEU C 383 22.18 3.88 -18.11
C LEU C 383 21.93 5.28 -18.65
N MET C 384 22.79 6.24 -18.34
CA MET C 384 22.56 7.61 -18.76
C MET C 384 22.94 7.78 -20.23
N PRO C 385 22.05 8.30 -21.07
CA PRO C 385 22.39 8.51 -22.48
C PRO C 385 23.51 9.55 -22.63
N GLY C 386 24.30 9.36 -23.67
CA GLY C 386 25.40 10.28 -23.92
C GLY C 386 26.08 9.95 -25.24
N LYS C 387 27.23 10.59 -25.46
CA LYS C 387 28.00 10.38 -26.66
C LYS C 387 29.48 10.28 -26.31
N TRP C 388 30.22 9.58 -27.17
CA TRP C 388 31.67 9.49 -27.00
C TRP C 388 32.33 10.73 -27.58
N VAL C 389 33.29 11.28 -26.85
CA VAL C 389 34.04 12.46 -27.30
C VAL C 389 35.49 12.05 -27.49
N GLU C 390 36.02 12.26 -28.69
CA GLU C 390 37.38 11.88 -29.01
C GLU C 390 38.17 13.07 -29.55
N ARG C 431 38.99 8.02 -24.18
CA ARG C 431 37.62 8.27 -24.60
C ARG C 431 36.74 8.66 -23.40
N LYS C 432 36.06 9.79 -23.52
CA LYS C 432 35.20 10.30 -22.46
C LYS C 432 33.75 10.32 -22.93
N ILE C 433 32.85 10.39 -21.96
CA ILE C 433 31.40 10.36 -22.21
C ILE C 433 30.84 11.74 -21.90
N TYR C 434 30.09 12.30 -22.85
CA TYR C 434 29.45 13.59 -22.69
C TYR C 434 27.95 13.37 -22.59
N CYS C 435 27.34 13.88 -21.52
CA CYS C 435 25.91 13.77 -21.28
C CYS C 435 25.29 15.16 -21.23
N GLN C 436 24.27 15.38 -22.06
CA GLN C 436 23.59 16.66 -22.06
C GLN C 436 22.79 16.86 -20.77
N ILE C 437 22.19 15.77 -20.26
CA ILE C 437 21.34 15.87 -19.07
C ILE C 437 22.15 16.34 -17.87
N THR C 438 23.30 15.70 -17.63
CA THR C 438 24.13 16.06 -16.48
C THR C 438 24.65 17.48 -16.60
N GLN C 439 25.08 17.88 -17.80
CA GLN C 439 25.58 19.23 -18.00
C GLN C 439 24.48 20.26 -17.75
N HIS C 440 23.27 20.01 -18.25
CA HIS C 440 22.17 20.92 -18.01
C HIS C 440 21.83 21.00 -16.53
N LEU C 441 21.85 19.87 -15.83
CA LEU C 441 21.57 19.88 -14.40
C LEU C 441 22.62 20.70 -13.65
N LEU C 442 23.89 20.53 -14.00
CA LEU C 442 24.95 21.29 -13.34
C LEU C 442 24.80 22.79 -13.62
N GLN C 443 24.50 23.15 -14.88
CA GLN C 443 24.32 24.56 -15.21
C GLN C 443 23.14 25.17 -14.45
N ASN C 444 22.03 24.45 -14.36
CA ASN C 444 20.87 24.97 -13.63
C ASN C 444 21.19 25.10 -12.15
N HIS C 445 21.90 24.13 -11.57
CA HIS C 445 22.26 24.24 -10.17
C HIS C 445 23.17 25.43 -9.92
N LYS C 446 24.13 25.67 -10.81
CA LYS C 446 25.00 26.84 -10.67
C LYS C 446 24.20 28.13 -10.79
N MET C 447 23.24 28.16 -11.71
CA MET C 447 22.39 29.35 -11.86
C MET C 447 21.62 29.63 -10.58
N TRP C 448 21.04 28.59 -9.99
CA TRP C 448 20.28 28.78 -8.74
C TRP C 448 21.19 29.19 -7.60
N LYS C 449 22.40 28.64 -7.52
CA LYS C 449 23.34 29.07 -6.49
C LYS C 449 23.71 30.54 -6.66
N LYS C 450 23.93 30.97 -7.90
CA LYS C 450 24.23 32.37 -8.14
C LYS C 450 23.07 33.27 -7.74
N VAL C 451 21.84 32.86 -8.07
CA VAL C 451 20.66 33.64 -7.71
C VAL C 451 20.53 33.73 -6.19
N ILE C 452 20.75 32.62 -5.49
CA ILE C 452 20.66 32.62 -4.03
C ILE C 452 21.72 33.54 -3.43
N GLU C 453 22.95 33.47 -3.94
CA GLU C 453 24.01 34.32 -3.42
C GLU C 453 23.70 35.80 -3.66
N GLU C 454 23.19 36.12 -4.85
CA GLU C 454 22.83 37.51 -5.14
C GLU C 454 21.72 38.00 -4.21
N GLU C 455 20.70 37.17 -3.99
CA GLU C 455 19.61 37.55 -3.11
C GLU C 455 20.10 37.75 -1.68
N GLN C 456 20.97 36.85 -1.21
CA GLN C 456 21.51 36.99 0.14
C GLN C 456 22.35 38.26 0.27
N ARG C 457 23.16 38.57 -0.74
CA ARG C 457 23.94 39.80 -0.71
C ARG C 457 23.04 41.03 -0.68
N LEU C 458 21.98 41.02 -1.50
CA LEU C 458 21.06 42.15 -1.53
C LEU C 458 20.36 42.32 -0.18
N ALA C 459 19.95 41.21 0.44
CA ALA C 459 19.33 41.27 1.76
C ALA C 459 20.31 41.79 2.80
N GLY C 460 21.56 41.34 2.74
CA GLY C 460 22.55 41.81 3.71
C GLY C 460 22.86 43.29 3.55
N ILE C 461 22.85 43.79 2.33
CA ILE C 461 23.10 45.22 2.10
C ILE C 461 22.01 46.05 2.77
N GLU C 462 20.76 45.66 2.61
CA GLU C 462 19.65 46.38 3.22
C GLU C 462 19.57 46.09 4.72
N ALA D 556 17.82 20.26 4.48
CA ALA D 556 16.60 20.53 3.72
C ALA D 556 15.37 20.09 4.50
N GLU D 557 15.17 20.69 5.68
CA GLU D 557 14.02 20.32 6.51
C GLU D 557 12.72 20.67 5.83
N ASN D 558 12.64 21.84 5.19
CA ASN D 558 11.41 22.27 4.55
C ASN D 558 11.04 21.37 3.38
N LEU D 559 12.03 20.97 2.58
CA LEU D 559 11.76 20.10 1.44
C LEU D 559 11.22 18.75 1.90
N TYR D 560 11.84 18.18 2.93
CA TYR D 560 11.37 16.90 3.46
C TYR D 560 9.99 17.03 4.09
N GLN D 561 9.71 18.17 4.74
CA GLN D 561 8.37 18.39 5.28
C GLN D 561 7.33 18.44 4.19
N ILE D 562 7.65 19.11 3.07
CA ILE D 562 6.73 19.15 1.94
C ILE D 562 6.52 17.74 1.38
N ILE D 563 7.62 17.00 1.19
CA ILE D 563 7.50 15.64 0.67
C ILE D 563 6.81 14.74 1.68
N GLY D 564 7.09 14.93 2.97
CA GLY D 564 6.54 14.09 4.01
C GLY D 564 7.52 13.14 4.64
N ILE D 565 8.80 13.22 4.30
CA ILE D 565 9.81 12.35 4.86
C ILE D 565 10.19 12.80 6.27
MN MN E . -9.18 -11.50 10.54
MG MG F . -8.58 -10.50 7.79
C01 X5M G . -9.56 -15.09 4.97
C02 X5M G . -8.30 -15.65 5.63
N03 X5M G . -8.26 -17.11 5.32
C04 X5M G . -8.73 -17.52 3.98
C05 X5M G . -7.49 -17.42 3.09
C06 X5M G . -8.44 -18.00 6.39
C07 X5M G . -9.33 -17.62 7.39
C08 X5M G . -9.56 -18.44 8.48
C09 X5M G . -8.92 -19.69 8.62
C10 X5M G . -8.02 -20.07 7.61
C11 X5M G . -7.80 -19.23 6.52
N12 X5M G . -6.86 -19.67 5.53
O13 X5M G . -5.81 -19.07 5.36
O14 X5M G . -7.12 -20.65 4.85
C15 X5M G . -9.16 -20.57 9.78
N16 X5M G . -8.99 -21.84 9.66
N17 X5M G . -9.21 -22.69 10.75
C18 X5M G . -9.80 -22.30 11.91
O19 X5M G . -9.74 -23.03 12.86
C20 X5M G . -10.50 -20.96 11.91
C21 X5M G . -9.61 -19.96 11.12
C22 X5M G . -8.36 -19.62 11.97
MN MN H . 4.66 13.02 -11.68
MG MG I . 3.34 12.27 -9.11
C01 X5M J . 4.08 16.94 -6.34
C02 X5M J . 5.57 16.58 -6.32
N03 X5M J . 6.29 17.77 -5.82
C04 X5M J . 5.63 18.56 -4.76
C05 X5M J . 6.07 17.90 -3.45
C06 X5M J . 7.13 18.44 -6.71
C07 X5M J . 6.72 18.50 -8.05
C08 X5M J . 7.50 19.14 -9.00
C09 X5M J . 8.72 19.76 -8.68
C10 X5M J . 9.14 19.69 -7.33
C11 X5M J . 8.35 19.04 -6.39
N12 X5M J . 8.83 19.01 -5.04
O13 X5M J . 9.15 17.95 -4.52
O14 X5M J . 8.92 20.04 -4.39
C15 X5M J . 9.55 20.44 -9.68
N16 X5M J . 10.35 21.38 -9.32
N17 X5M J . 11.14 22.04 -10.26
C18 X5M J . 11.00 21.89 -11.60
O19 X5M J . 11.87 22.33 -12.33
C20 X5M J . 9.74 21.21 -12.09
C21 X5M J . 9.46 20.01 -11.16
C22 X5M J . 10.50 18.90 -11.43
#